data_5ZCI
#
_entry.id   5ZCI
#
_cell.length_a   61.760
_cell.length_b   69.440
_cell.length_c   159.740
_cell.angle_alpha   90.00
_cell.angle_beta   90.00
_cell.angle_gamma   90.00
#
_symmetry.space_group_name_H-M   'P 21 21 21'
#
loop_
_entity.id
_entity.type
_entity.pdbx_description
1 polymer 'Aldose reductase'
2 water water
#
_entity_poly.entity_id   1
_entity_poly.type   'polypeptide(L)'
_entity_poly.pdbx_seq_one_letter_code
;MGSSHHHHHHSSGLVPRGSHMMSIKLNSGYEMPLVGFGCWKVDNATCADTVYNAIKVGYRLFDAAMDYGNCKEIGEGINR
ALDEGLVARDELFITSKLWNSYHDPKNVELALKKVLSDMKLDYIDLFLIHFPIAFKFVPFEEKYPPAFYCGDGDNFHYED
VPLLETWKAMEKLTKGGKAKSIGISNFSAALIYDLLRGAEIKPAVLQIEHHPYLQQPRLIEYVQSQGIAITAYSSFGPQS
FLELKHSKALDTPTLFEHKTITSIADKYKKTPAQVLLRWASQRDIAIIPKSNNPDRLLQNLEVNDFNLSKEDFDEISKLD
QDLRFNNPWDWDTKNRIPIFA
;
_entity_poly.pdbx_strand_id   A,B
#
# COMPACT_ATOMS: atom_id res chain seq x y z
N MET A 22 27.83 -6.31 -16.15
CA MET A 22 27.25 -6.69 -14.83
C MET A 22 25.83 -7.23 -14.98
N SER A 23 25.52 -8.27 -14.22
CA SER A 23 24.19 -8.86 -14.19
C SER A 23 23.84 -9.20 -12.74
N ILE A 24 22.56 -9.50 -12.53
CA ILE A 24 22.07 -9.94 -11.23
C ILE A 24 21.36 -11.27 -11.43
N LYS A 25 21.70 -12.25 -10.59
CA LYS A 25 21.11 -13.58 -10.69
C LYS A 25 19.73 -13.56 -10.05
N LEU A 26 18.69 -13.78 -10.86
CA LEU A 26 17.34 -13.79 -10.36
C LEU A 26 17.09 -15.06 -9.54
N ASN A 27 16.09 -14.98 -8.65
CA ASN A 27 15.70 -16.15 -7.87
C ASN A 27 15.15 -17.27 -8.73
N SER A 28 14.96 -17.03 -10.03
CA SER A 28 14.60 -18.09 -10.97
C SER A 28 15.82 -18.83 -11.50
N GLY A 29 17.04 -18.35 -11.21
CA GLY A 29 18.25 -18.97 -11.69
C GLY A 29 18.87 -18.30 -12.90
N TYR A 30 18.17 -17.39 -13.55
CA TYR A 30 18.66 -16.74 -14.75
C TYR A 30 19.36 -15.43 -14.42
N GLU A 31 20.30 -15.04 -15.27
CA GLU A 31 21.02 -13.78 -15.12
C GLU A 31 20.29 -12.68 -15.87
N MET A 32 20.09 -11.55 -15.20
CA MET A 32 19.50 -10.37 -15.83
C MET A 32 20.53 -9.25 -15.89
N PRO A 33 20.83 -8.68 -17.06
CA PRO A 33 21.77 -7.57 -17.10
C PRO A 33 21.30 -6.40 -16.25
N LEU A 34 22.25 -5.80 -15.51
CA LEU A 34 21.91 -4.70 -14.63
C LEU A 34 21.68 -3.40 -15.39
N VAL A 35 22.23 -3.27 -16.60
CA VAL A 35 21.98 -2.13 -17.46
C VAL A 35 21.29 -2.64 -18.71
N GLY A 36 20.07 -2.16 -18.95
CA GLY A 36 19.30 -2.51 -20.12
C GLY A 36 18.90 -1.29 -20.92
N PHE A 37 18.20 -1.54 -22.01
CA PHE A 37 17.69 -0.50 -22.88
C PHE A 37 16.18 -0.40 -22.68
N GLY A 38 15.72 0.73 -22.14
CA GLY A 38 14.31 0.94 -21.92
C GLY A 38 13.62 1.46 -23.16
N CYS A 39 12.76 0.63 -23.76
CA CYS A 39 12.05 1.01 -24.98
C CYS A 39 10.80 1.81 -24.71
N TRP A 40 10.46 2.03 -23.45
CA TRP A 40 9.39 2.95 -23.08
C TRP A 40 9.61 4.31 -23.73
N LYS A 41 8.63 4.76 -24.51
CA LYS A 41 8.63 6.09 -25.12
C LYS A 41 9.57 6.19 -26.31
N VAL A 42 10.01 5.08 -26.89
CA VAL A 42 10.82 5.10 -28.10
C VAL A 42 9.91 5.12 -29.32
N ASP A 43 10.09 6.09 -30.20
CA ASP A 43 9.22 6.25 -31.35
C ASP A 43 9.31 5.04 -32.27
N ASN A 44 8.17 4.67 -32.87
CA ASN A 44 8.11 3.47 -33.71
C ASN A 44 8.99 3.62 -34.93
N ALA A 45 9.00 4.80 -35.55
CA ALA A 45 9.69 4.96 -36.83
C ALA A 45 11.18 4.65 -36.73
N THR A 46 11.79 4.91 -35.58
CA THR A 46 13.22 4.71 -35.39
C THR A 46 13.54 3.60 -34.39
N CYS A 47 12.53 2.94 -33.82
CA CYS A 47 12.78 1.99 -32.75
C CYS A 47 13.65 0.83 -33.22
N ALA A 48 13.35 0.27 -34.39
CA ALA A 48 14.08 -0.90 -34.86
C ALA A 48 15.57 -0.61 -34.99
N ASP A 49 15.92 0.49 -35.67
CA ASP A 49 17.33 0.85 -35.80
C ASP A 49 17.95 1.14 -34.44
N THR A 50 17.22 1.86 -33.57
CA THR A 50 17.72 2.16 -32.24
C THR A 50 18.07 0.87 -31.48
N VAL A 51 17.15 -0.10 -31.49
CA VAL A 51 17.40 -1.37 -30.81
C VAL A 51 18.58 -2.08 -31.44
N TYR A 52 18.61 -2.15 -32.77
CA TYR A 52 19.71 -2.82 -33.45
C TYR A 52 21.05 -2.16 -33.12
N ASN A 53 21.13 -0.83 -33.23
CA ASN A 53 22.36 -0.13 -32.90
C ASN A 53 22.76 -0.39 -31.45
N ALA A 54 21.78 -0.44 -30.55
CA ALA A 54 22.08 -0.69 -29.14
C ALA A 54 22.73 -2.06 -28.95
N ILE A 55 22.24 -3.07 -29.67
CA ILE A 55 22.85 -4.40 -29.58
C ILE A 55 24.30 -4.35 -30.04
N LYS A 56 24.57 -3.64 -31.14
CA LYS A 56 25.95 -3.52 -31.61
C LYS A 56 26.85 -2.95 -30.52
N VAL A 57 26.37 -1.92 -29.81
CA VAL A 57 27.18 -1.29 -28.77
C VAL A 57 27.45 -2.26 -27.63
N GLY A 58 26.52 -3.18 -27.37
CA GLY A 58 26.72 -4.19 -26.35
C GLY A 58 25.53 -4.41 -25.43
N TYR A 59 24.40 -3.80 -25.75
CA TYR A 59 23.20 -3.95 -24.93
C TYR A 59 22.56 -5.31 -25.18
N ARG A 60 22.04 -5.91 -24.10
CA ARG A 60 21.51 -7.26 -24.17
C ARG A 60 20.11 -7.33 -23.58
N LEU A 61 19.81 -6.49 -22.60
CA LEU A 61 18.46 -6.42 -22.05
C LEU A 61 17.67 -5.32 -22.74
N PHE A 62 16.43 -5.63 -23.10
CA PHE A 62 15.53 -4.67 -23.71
C PHE A 62 14.19 -4.76 -23.01
N ASP A 63 13.72 -3.62 -22.50
CA ASP A 63 12.53 -3.56 -21.67
C ASP A 63 11.36 -3.07 -22.53
N ALA A 64 10.42 -3.95 -22.81
CA ALA A 64 9.27 -3.67 -23.66
C ALA A 64 7.98 -3.85 -22.85
N ALA A 65 6.85 -3.57 -23.50
CA ALA A 65 5.56 -3.73 -22.86
C ALA A 65 4.47 -3.74 -23.93
N MET A 66 3.38 -4.47 -23.63
CA MET A 66 2.26 -4.52 -24.56
C MET A 66 1.68 -3.14 -24.83
N ASP A 67 1.75 -2.24 -23.85
CA ASP A 67 1.13 -0.93 -23.98
C ASP A 67 2.00 0.09 -24.69
N TYR A 68 3.27 -0.21 -24.95
CA TYR A 68 4.16 0.77 -25.57
C TYR A 68 3.87 0.96 -27.05
N GLY A 69 3.32 -0.05 -27.71
CA GLY A 69 2.96 0.06 -29.11
C GLY A 69 4.09 -0.14 -30.09
N ASN A 70 5.32 -0.42 -29.62
CA ASN A 70 6.48 -0.59 -30.48
C ASN A 70 7.02 -2.01 -30.43
N CYS A 71 6.22 -2.98 -29.98
CA CYS A 71 6.70 -4.34 -29.83
C CYS A 71 7.23 -4.91 -31.15
N LYS A 72 6.50 -4.68 -32.24
CA LYS A 72 6.92 -5.21 -33.54
C LYS A 72 8.26 -4.62 -33.95
N GLU A 73 8.42 -3.30 -33.81
CA GLU A 73 9.66 -2.67 -34.21
C GLU A 73 10.84 -3.15 -33.37
N ILE A 74 10.62 -3.34 -32.07
CA ILE A 74 11.68 -3.88 -31.21
C ILE A 74 12.11 -5.25 -31.71
N GLY A 75 11.15 -6.16 -31.90
CA GLY A 75 11.48 -7.47 -32.44
C GLY A 75 12.21 -7.39 -33.75
N GLU A 76 11.89 -6.39 -34.59
CA GLU A 76 12.57 -6.24 -35.87
C GLU A 76 14.05 -5.98 -35.65
N GLY A 77 14.39 -5.06 -34.73
CA GLY A 77 15.79 -4.79 -34.45
C GLY A 77 16.49 -5.99 -33.83
N ILE A 78 15.80 -6.70 -32.93
CA ILE A 78 16.37 -7.89 -32.33
C ILE A 78 16.65 -8.95 -33.39
N ASN A 79 15.63 -9.27 -34.20
CA ASN A 79 15.79 -10.32 -35.20
C ASN A 79 16.79 -9.92 -36.28
N ARG A 80 16.88 -8.63 -36.59
CA ARG A 80 17.91 -8.18 -37.52
C ARG A 80 19.30 -8.50 -36.99
N ALA A 81 19.55 -8.21 -35.72
CA ALA A 81 20.83 -8.56 -35.11
C ALA A 81 21.03 -10.07 -35.08
N LEU A 82 19.97 -10.82 -34.75
CA LEU A 82 20.09 -12.27 -34.69
C LEU A 82 20.42 -12.86 -36.06
N ASP A 83 19.71 -12.41 -37.10
CA ASP A 83 19.95 -12.95 -38.44
C ASP A 83 21.37 -12.68 -38.89
N GLU A 84 21.94 -11.54 -38.52
CA GLU A 84 23.31 -11.21 -38.87
C GLU A 84 24.33 -11.94 -38.00
N GLY A 85 23.89 -12.62 -36.95
CA GLY A 85 24.80 -13.31 -36.06
C GLY A 85 25.54 -12.41 -35.08
N LEU A 86 25.12 -11.15 -34.93
CA LEU A 86 25.78 -10.27 -33.98
C LEU A 86 25.71 -10.81 -32.56
N VAL A 87 24.63 -11.52 -32.22
CA VAL A 87 24.44 -12.08 -30.90
C VAL A 87 23.58 -13.34 -31.03
N ALA A 88 23.61 -14.16 -29.99
CA ALA A 88 22.73 -15.32 -29.89
C ALA A 88 21.53 -14.95 -29.02
N ARG A 89 20.42 -15.64 -29.25
CA ARG A 89 19.19 -15.34 -28.53
C ARG A 89 19.38 -15.50 -27.03
N ASP A 90 20.13 -16.52 -26.61
CA ASP A 90 20.34 -16.78 -25.19
C ASP A 90 21.23 -15.74 -24.53
N GLU A 91 21.87 -14.87 -25.32
CA GLU A 91 22.61 -13.74 -24.78
C GLU A 91 21.73 -12.51 -24.55
N LEU A 92 20.52 -12.50 -25.11
CA LEU A 92 19.61 -11.38 -24.93
C LEU A 92 18.64 -11.66 -23.79
N PHE A 93 18.15 -10.59 -23.18
CA PHE A 93 17.18 -10.66 -22.09
C PHE A 93 16.03 -9.74 -22.45
N ILE A 94 14.91 -10.32 -22.88
CA ILE A 94 13.78 -9.55 -23.37
C ILE A 94 12.70 -9.54 -22.29
N THR A 95 12.30 -8.33 -21.89
CA THR A 95 11.24 -8.13 -20.91
C THR A 95 10.02 -7.56 -21.61
N SER A 96 8.85 -8.10 -21.31
CA SER A 96 7.58 -7.51 -21.70
C SER A 96 6.66 -7.46 -20.49
N LYS A 97 5.48 -6.86 -20.66
CA LYS A 97 4.61 -6.60 -19.53
C LYS A 97 3.16 -6.86 -19.92
N LEU A 98 2.45 -7.58 -19.06
CA LEU A 98 1.04 -7.87 -19.24
C LEU A 98 0.23 -6.62 -18.92
N TRP A 99 -0.43 -6.05 -19.93
CA TRP A 99 -1.23 -4.86 -19.72
C TRP A 99 -2.44 -5.18 -18.83
N ASN A 100 -3.04 -4.11 -18.29
CA ASN A 100 -4.11 -4.25 -17.31
C ASN A 100 -5.34 -4.96 -17.88
N SER A 101 -5.54 -4.91 -19.20
CA SER A 101 -6.73 -5.51 -19.80
C SER A 101 -6.74 -7.03 -19.75
N TYR A 102 -5.61 -7.66 -19.43
CA TYR A 102 -5.44 -9.10 -19.57
C TYR A 102 -5.12 -9.77 -18.25
N HIS A 103 -5.74 -9.31 -17.16
CA HIS A 103 -5.50 -9.93 -15.86
C HIS A 103 -6.34 -11.19 -15.65
N ASP A 104 -7.48 -11.30 -16.33
CA ASP A 104 -8.29 -12.50 -16.24
C ASP A 104 -7.45 -13.71 -16.65
N PRO A 105 -7.28 -14.72 -15.78
CA PRO A 105 -6.32 -15.80 -16.08
C PRO A 105 -6.34 -16.31 -17.51
N LYS A 106 -7.52 -16.56 -18.07
CA LYS A 106 -7.59 -17.12 -19.41
C LYS A 106 -6.95 -16.22 -20.46
N ASN A 107 -6.84 -14.93 -20.19
CA ASN A 107 -6.26 -13.98 -21.14
C ASN A 107 -4.76 -13.79 -20.92
N VAL A 108 -4.18 -14.41 -19.90
CA VAL A 108 -2.77 -14.20 -19.59
C VAL A 108 -1.89 -14.86 -20.64
N GLU A 109 -2.19 -16.11 -21.00
CA GLU A 109 -1.38 -16.79 -22.01
C GLU A 109 -1.66 -16.21 -23.40
N LEU A 110 -2.91 -15.82 -23.66
CA LEU A 110 -3.21 -15.15 -24.92
C LEU A 110 -2.39 -13.88 -25.06
N ALA A 111 -2.19 -13.16 -23.95
CA ALA A 111 -1.40 -11.93 -23.99
C ALA A 111 0.06 -12.23 -24.36
N LEU A 112 0.66 -13.23 -23.71
CA LEU A 112 2.05 -13.56 -24.03
C LEU A 112 2.18 -14.02 -25.47
N LYS A 113 1.26 -14.87 -25.94
CA LYS A 113 1.30 -15.30 -27.33
C LYS A 113 1.26 -14.10 -28.27
N LYS A 114 0.47 -13.08 -27.93
CA LYS A 114 0.43 -11.87 -28.73
C LYS A 114 1.78 -11.17 -28.73
N VAL A 115 2.42 -11.06 -27.57
CA VAL A 115 3.75 -10.46 -27.48
C VAL A 115 4.73 -11.24 -28.36
N LEU A 116 4.76 -12.57 -28.20
CA LEU A 116 5.69 -13.38 -28.97
C LEU A 116 5.45 -13.24 -30.47
N SER A 117 4.18 -13.21 -30.88
CA SER A 117 3.85 -13.04 -32.28
C SER A 117 4.29 -11.67 -32.79
N ASP A 118 3.99 -10.61 -32.04
CA ASP A 118 4.37 -9.27 -32.45
C ASP A 118 5.88 -9.13 -32.59
N MET A 119 6.62 -9.62 -31.58
CA MET A 119 8.07 -9.48 -31.58
C MET A 119 8.77 -10.57 -32.39
N LYS A 120 8.03 -11.59 -32.84
CA LYS A 120 8.62 -12.68 -33.60
C LYS A 120 9.75 -13.35 -32.83
N LEU A 121 9.46 -13.68 -31.57
CA LEU A 121 10.31 -14.47 -30.71
C LEU A 121 9.49 -15.62 -30.16
N ASP A 122 10.15 -16.76 -29.89
CA ASP A 122 9.45 -17.92 -29.36
C ASP A 122 9.52 -18.02 -27.84
N TYR A 123 10.19 -17.08 -27.17
CA TYR A 123 10.10 -17.00 -25.72
C TYR A 123 10.55 -15.63 -25.26
N ILE A 124 10.08 -15.27 -24.07
CA ILE A 124 10.45 -14.02 -23.41
C ILE A 124 11.21 -14.37 -22.15
N ASP A 125 12.18 -13.53 -21.79
CA ASP A 125 12.99 -13.80 -20.61
C ASP A 125 12.29 -13.38 -19.33
N LEU A 126 11.47 -12.33 -19.39
CA LEU A 126 10.80 -11.81 -18.20
C LEU A 126 9.47 -11.22 -18.62
N PHE A 127 8.40 -11.62 -17.92
CA PHE A 127 7.05 -11.14 -18.20
C PHE A 127 6.48 -10.59 -16.90
N LEU A 128 6.20 -9.29 -16.88
CA LEU A 128 5.77 -8.58 -15.68
C LEU A 128 4.28 -8.24 -15.76
N ILE A 129 3.61 -8.31 -14.61
CA ILE A 129 2.30 -7.68 -14.50
C ILE A 129 2.54 -6.17 -14.44
N HIS A 130 2.08 -5.46 -15.47
CA HIS A 130 2.47 -4.06 -15.63
C HIS A 130 1.98 -3.22 -14.46
N PHE A 131 0.75 -3.45 -14.00
CA PHE A 131 0.16 -2.71 -12.89
C PHE A 131 -0.73 -3.65 -12.10
N PRO A 132 -0.92 -3.41 -10.78
CA PRO A 132 -1.96 -4.10 -10.02
C PRO A 132 -3.35 -3.55 -10.31
N ILE A 133 -3.70 -3.49 -11.61
CA ILE A 133 -4.96 -2.93 -12.08
C ILE A 133 -5.52 -3.87 -13.14
N ALA A 134 -6.83 -4.12 -13.08
CA ALA A 134 -7.48 -5.05 -13.99
C ALA A 134 -8.58 -4.31 -14.76
N PHE A 135 -8.28 -3.91 -15.98
CA PHE A 135 -9.29 -3.32 -16.86
C PHE A 135 -10.16 -4.41 -17.47
N LYS A 136 -11.32 -3.99 -17.96
CA LYS A 136 -12.18 -4.90 -18.72
C LYS A 136 -11.46 -5.37 -19.98
N PHE A 137 -11.48 -6.68 -20.20
CA PHE A 137 -10.83 -7.24 -21.38
C PHE A 137 -11.32 -6.57 -22.65
N VAL A 138 -10.42 -6.41 -23.62
CA VAL A 138 -10.74 -5.87 -24.92
C VAL A 138 -10.16 -6.81 -25.96
N PRO A 139 -10.96 -7.43 -26.82
CA PRO A 139 -10.41 -8.34 -27.83
C PRO A 139 -9.29 -7.68 -28.64
N PHE A 140 -8.24 -8.44 -28.91
CA PHE A 140 -7.10 -7.90 -29.64
C PHE A 140 -7.52 -7.35 -30.99
N GLU A 141 -8.58 -7.90 -31.59
CA GLU A 141 -9.02 -7.40 -32.89
C GLU A 141 -9.75 -6.07 -32.76
N GLU A 142 -10.37 -5.81 -31.60
CA GLU A 142 -11.14 -4.58 -31.44
C GLU A 142 -10.23 -3.37 -31.29
N LYS A 143 -9.11 -3.52 -30.57
CA LYS A 143 -8.14 -2.45 -30.41
C LYS A 143 -6.89 -2.98 -29.74
N TYR A 144 -5.72 -2.71 -30.32
CA TYR A 144 -4.47 -3.11 -29.71
C TYR A 144 -3.39 -2.11 -30.12
N PRO A 145 -2.61 -1.56 -29.15
CA PRO A 145 -2.80 -1.74 -27.71
C PRO A 145 -4.05 -1.04 -27.21
N PRO A 146 -4.80 -1.66 -26.29
CA PRO A 146 -6.03 -1.03 -25.81
C PRO A 146 -5.80 0.21 -24.95
N ALA A 147 -4.65 0.29 -24.28
CA ALA A 147 -4.37 1.42 -23.39
C ALA A 147 -5.50 1.58 -22.38
N PHE A 148 -6.13 2.76 -22.34
CA PHE A 148 -7.20 3.03 -21.39
C PHE A 148 -8.58 2.68 -21.95
N TYR A 149 -8.66 2.12 -23.15
CA TYR A 149 -9.95 1.75 -23.72
C TYR A 149 -10.46 0.49 -23.05
N CYS A 150 -11.74 0.53 -22.62
CA CYS A 150 -12.34 -0.58 -21.90
C CYS A 150 -13.66 -1.01 -22.55
N GLY A 151 -13.77 -0.84 -23.86
CA GLY A 151 -14.95 -1.30 -24.58
C GLY A 151 -16.16 -0.42 -24.45
N ASP A 152 -15.99 0.85 -24.05
CA ASP A 152 -17.12 1.73 -23.81
C ASP A 152 -16.69 3.18 -23.94
N GLY A 153 -16.30 3.61 -25.14
CA GLY A 153 -15.87 4.98 -25.33
C GLY A 153 -14.70 5.30 -24.42
N ASP A 154 -14.82 6.41 -23.71
CA ASP A 154 -13.78 6.86 -22.77
C ASP A 154 -13.97 6.31 -21.37
N ASN A 155 -15.01 5.52 -21.12
CA ASN A 155 -15.31 5.04 -19.79
C ASN A 155 -14.39 3.89 -19.39
N PHE A 156 -13.90 3.94 -18.16
CA PHE A 156 -13.12 2.85 -17.60
C PHE A 156 -14.05 1.77 -17.04
N HIS A 157 -13.67 0.52 -17.26
CA HIS A 157 -14.37 -0.62 -16.69
C HIS A 157 -13.34 -1.63 -16.20
N TYR A 158 -13.65 -2.29 -15.10
CA TYR A 158 -12.70 -3.15 -14.42
C TYR A 158 -13.26 -4.56 -14.25
N GLU A 159 -12.36 -5.49 -13.92
CA GLU A 159 -12.71 -6.88 -13.68
C GLU A 159 -12.35 -7.24 -12.25
N ASP A 160 -13.20 -8.07 -11.64
CA ASP A 160 -12.98 -8.53 -10.26
C ASP A 160 -12.10 -9.80 -10.30
N VAL A 161 -10.83 -9.56 -10.60
CA VAL A 161 -9.82 -10.62 -10.67
C VAL A 161 -8.75 -10.32 -9.63
N PRO A 162 -8.77 -10.98 -8.48
CA PRO A 162 -7.70 -10.78 -7.49
C PRO A 162 -6.33 -10.98 -8.10
N LEU A 163 -5.36 -10.18 -7.63
CA LEU A 163 -4.01 -10.24 -8.18
C LEU A 163 -3.44 -11.65 -8.12
N LEU A 164 -3.75 -12.39 -7.06
CA LEU A 164 -3.20 -13.73 -6.92
C LEU A 164 -3.66 -14.66 -8.03
N GLU A 165 -4.90 -14.49 -8.50
CA GLU A 165 -5.38 -15.29 -9.62
C GLU A 165 -4.57 -15.02 -10.87
N THR A 166 -4.31 -13.74 -11.16
CA THR A 166 -3.47 -13.39 -12.30
C THR A 166 -2.07 -13.96 -12.14
N TRP A 167 -1.52 -13.90 -10.92
CA TRP A 167 -0.17 -14.41 -10.71
C TRP A 167 -0.11 -15.92 -10.95
N LYS A 168 -1.13 -16.65 -10.51
CA LYS A 168 -1.16 -18.09 -10.74
C LYS A 168 -1.09 -18.41 -12.23
N ALA A 169 -1.74 -17.60 -13.06
CA ALA A 169 -1.65 -17.80 -14.50
C ALA A 169 -0.26 -17.44 -15.02
N MET A 170 0.36 -16.41 -14.43
CA MET A 170 1.75 -16.10 -14.76
C MET A 170 2.67 -17.26 -14.40
N GLU A 171 2.45 -17.87 -13.24
CA GLU A 171 3.26 -19.01 -12.83
C GLU A 171 3.15 -20.14 -13.86
N LYS A 172 1.94 -20.40 -14.35
CA LYS A 172 1.77 -21.45 -15.35
C LYS A 172 2.60 -21.18 -16.60
N LEU A 173 2.85 -19.91 -16.92
CA LEU A 173 3.60 -19.59 -18.13
C LEU A 173 5.04 -20.09 -18.06
N THR A 174 5.62 -20.14 -16.85
CA THR A 174 7.01 -20.57 -16.72
C THR A 174 7.17 -22.07 -16.93
N LYS A 175 6.09 -22.85 -16.82
CA LYS A 175 6.18 -24.29 -16.93
C LYS A 175 6.41 -24.73 -18.37
N GLY A 176 5.95 -23.94 -19.33
CA GLY A 176 6.12 -24.24 -20.74
C GLY A 176 7.32 -23.58 -21.39
N GLY A 177 8.07 -22.77 -20.65
CA GLY A 177 9.26 -22.13 -21.20
C GLY A 177 9.01 -20.89 -22.02
N LYS A 178 7.75 -20.57 -22.34
CA LYS A 178 7.47 -19.37 -23.12
C LYS A 178 7.87 -18.10 -22.38
N ALA A 179 7.94 -18.15 -21.05
CA ALA A 179 8.45 -17.05 -20.23
C ALA A 179 9.39 -17.64 -19.20
N LYS A 180 10.68 -17.30 -19.31
CA LYS A 180 11.67 -17.89 -18.40
C LYS A 180 11.43 -17.45 -16.97
N SER A 181 11.20 -16.16 -16.77
CA SER A 181 10.94 -15.61 -15.44
C SER A 181 9.70 -14.73 -15.48
N ILE A 182 9.11 -14.52 -14.31
CA ILE A 182 7.93 -13.70 -14.17
C ILE A 182 8.13 -12.72 -13.02
N GLY A 183 7.49 -11.56 -13.13
CA GLY A 183 7.64 -10.54 -12.11
C GLY A 183 6.44 -9.63 -12.07
N ILE A 184 6.62 -8.51 -11.38
CA ILE A 184 5.55 -7.55 -11.15
C ILE A 184 6.10 -6.14 -11.35
N SER A 185 5.19 -5.18 -11.54
CA SER A 185 5.56 -3.79 -11.69
C SER A 185 4.52 -2.91 -11.01
N ASN A 186 5.01 -1.89 -10.32
CA ASN A 186 4.15 -0.88 -9.67
C ASN A 186 3.30 -1.47 -8.55
N PHE A 187 3.74 -2.58 -7.97
CA PHE A 187 3.12 -3.14 -6.77
C PHE A 187 3.73 -2.50 -5.54
N SER A 188 2.89 -2.15 -4.57
CA SER A 188 3.38 -1.69 -3.28
C SER A 188 3.89 -2.87 -2.46
N ALA A 189 4.65 -2.56 -1.42
CA ALA A 189 5.17 -3.61 -0.55
C ALA A 189 4.04 -4.40 0.10
N ALA A 190 2.96 -3.70 0.49
CA ALA A 190 1.85 -4.39 1.13
C ALA A 190 1.21 -5.41 0.20
N LEU A 191 1.13 -5.08 -1.09
CA LEU A 191 0.59 -6.05 -2.05
C LEU A 191 1.54 -7.23 -2.23
N ILE A 192 2.84 -6.97 -2.35
CA ILE A 192 3.80 -8.05 -2.46
C ILE A 192 3.76 -8.93 -1.22
N TYR A 193 3.69 -8.30 -0.05
CA TYR A 193 3.61 -9.03 1.22
C TYR A 193 2.48 -10.05 1.17
N ASP A 194 1.31 -9.64 0.67
CA ASP A 194 0.18 -10.55 0.60
C ASP A 194 0.32 -11.54 -0.55
N LEU A 195 0.85 -11.09 -1.69
CA LEU A 195 0.98 -11.98 -2.84
C LEU A 195 1.85 -13.18 -2.52
N LEU A 196 2.96 -12.96 -1.80
CA LEU A 196 3.86 -14.06 -1.48
C LEU A 196 3.20 -15.10 -0.58
N ARG A 197 2.08 -14.76 0.06
CA ARG A 197 1.40 -15.71 0.92
C ARG A 197 0.77 -16.85 0.11
N GLY A 198 0.39 -16.58 -1.13
CA GLY A 198 -0.25 -17.58 -1.96
C GLY A 198 0.54 -17.90 -3.22
N ALA A 199 1.79 -17.45 -3.27
CA ALA A 199 2.62 -17.63 -4.46
C ALA A 199 3.40 -18.94 -4.36
N GLU A 200 3.36 -19.73 -5.44
CA GLU A 200 4.26 -20.87 -5.57
C GLU A 200 5.63 -20.42 -6.04
N ILE A 201 5.67 -19.47 -6.97
CA ILE A 201 6.90 -18.89 -7.50
C ILE A 201 6.98 -17.44 -7.03
N LYS A 202 8.03 -17.11 -6.28
CA LYS A 202 8.23 -15.73 -5.89
C LYS A 202 8.46 -14.88 -7.14
N PRO A 203 7.96 -13.64 -7.17
CA PRO A 203 8.32 -12.76 -8.29
C PRO A 203 9.82 -12.62 -8.39
N ALA A 204 10.34 -12.73 -9.61
CA ALA A 204 11.77 -12.58 -9.83
C ALA A 204 12.20 -11.12 -9.84
N VAL A 205 11.30 -10.22 -10.24
CA VAL A 205 11.63 -8.82 -10.46
C VAL A 205 10.45 -7.95 -10.06
N LEU A 206 10.77 -6.77 -9.53
CA LEU A 206 9.81 -5.69 -9.33
C LEU A 206 10.33 -4.46 -10.05
N GLN A 207 9.54 -3.93 -10.98
CA GLN A 207 9.87 -2.68 -11.66
C GLN A 207 9.00 -1.56 -11.09
N ILE A 208 9.64 -0.45 -10.74
CA ILE A 208 8.95 0.67 -10.10
C ILE A 208 9.60 1.97 -10.53
N GLU A 209 8.82 3.05 -10.49
CA GLU A 209 9.38 4.38 -10.53
C GLU A 209 10.33 4.55 -9.34
N HIS A 210 11.56 4.98 -9.62
CA HIS A 210 12.57 5.06 -8.57
C HIS A 210 13.58 6.13 -8.93
N HIS A 211 13.67 7.16 -8.09
CA HIS A 211 14.61 8.25 -8.29
C HIS A 211 14.77 8.97 -6.95
N PRO A 212 15.79 9.82 -6.83
CA PRO A 212 16.04 10.48 -5.53
C PRO A 212 14.86 11.24 -4.96
N TYR A 213 13.87 11.63 -5.76
CA TYR A 213 12.69 12.28 -5.22
C TYR A 213 11.63 11.29 -4.77
N LEU A 214 11.72 10.02 -5.18
CA LEU A 214 10.79 8.96 -4.75
C LEU A 214 11.65 7.72 -4.46
N GLN A 215 12.19 7.66 -3.25
CA GLN A 215 13.15 6.63 -2.90
C GLN A 215 12.53 5.40 -2.25
N GLN A 216 11.35 5.54 -1.63
CA GLN A 216 10.63 4.46 -0.98
C GLN A 216 11.61 3.48 -0.30
N PRO A 217 12.42 3.96 0.65
CA PRO A 217 13.51 3.13 1.17
C PRO A 217 13.05 1.83 1.81
N ARG A 218 11.91 1.82 2.50
CA ARG A 218 11.46 0.60 3.15
C ARG A 218 10.93 -0.41 2.13
N LEU A 219 10.31 0.06 1.05
CA LEU A 219 9.93 -0.84 -0.03
C LEU A 219 11.16 -1.51 -0.64
N ILE A 220 12.22 -0.73 -0.87
CA ILE A 220 13.46 -1.29 -1.41
C ILE A 220 14.02 -2.35 -0.45
N GLU A 221 14.09 -2.01 0.84
CA GLU A 221 14.69 -2.93 1.81
C GLU A 221 13.92 -4.24 1.87
N TYR A 222 12.58 -4.16 2.02
CA TYR A 222 11.79 -5.38 2.13
C TYR A 222 11.90 -6.22 0.87
N VAL A 223 11.77 -5.59 -0.30
CA VAL A 223 11.78 -6.35 -1.55
C VAL A 223 13.13 -7.04 -1.75
N GLN A 224 14.23 -6.32 -1.51
CA GLN A 224 15.54 -6.91 -1.70
C GLN A 224 15.83 -7.99 -0.67
N SER A 225 15.25 -7.88 0.52
CA SER A 225 15.43 -8.92 1.53
C SER A 225 14.71 -10.21 1.15
N GLN A 226 13.78 -10.15 0.21
CA GLN A 226 13.06 -11.33 -0.25
C GLN A 226 13.72 -12.01 -1.45
N GLY A 227 14.91 -11.57 -1.84
CA GLY A 227 15.57 -12.11 -3.01
C GLY A 227 15.01 -11.63 -4.32
N ILE A 228 14.20 -10.58 -4.32
CA ILE A 228 13.59 -10.05 -5.53
C ILE A 228 14.47 -8.95 -6.09
N ALA A 229 14.74 -9.00 -7.39
CA ALA A 229 15.49 -7.94 -8.04
C ALA A 229 14.58 -6.78 -8.37
N ILE A 230 15.13 -5.57 -8.31
CA ILE A 230 14.38 -4.35 -8.58
C ILE A 230 14.93 -3.71 -9.83
N THR A 231 14.02 -3.25 -10.70
CA THR A 231 14.37 -2.45 -11.87
C THR A 231 13.74 -1.08 -11.71
N ALA A 232 14.53 -0.03 -11.93
CA ALA A 232 14.04 1.33 -11.82
C ALA A 232 13.68 1.86 -13.21
N TYR A 233 12.60 2.64 -13.27
CA TYR A 233 12.34 3.48 -14.42
C TYR A 233 12.16 4.91 -13.94
N SER A 234 12.33 5.85 -14.86
CA SER A 234 12.34 7.27 -14.53
C SER A 234 13.46 7.58 -13.54
N SER A 235 14.66 7.05 -13.83
CA SER A 235 15.80 7.23 -12.94
C SER A 235 16.28 8.68 -12.89
N PHE A 236 15.92 9.50 -13.88
CA PHE A 236 16.29 10.90 -13.89
C PHE A 236 15.24 11.80 -13.25
N GLY A 237 14.16 11.22 -12.73
CA GLY A 237 13.16 11.99 -12.03
C GLY A 237 12.28 12.81 -12.96
N PRO A 238 11.48 13.71 -12.39
CA PRO A 238 10.56 14.50 -13.21
C PRO A 238 11.32 15.53 -14.03
N GLN A 239 10.93 15.64 -15.31
CA GLN A 239 11.65 16.48 -16.27
C GLN A 239 10.71 17.39 -17.05
N SER A 240 9.49 17.61 -16.57
CA SER A 240 8.55 18.49 -17.24
C SER A 240 7.65 19.14 -16.20
N PHE A 241 6.78 20.05 -16.67
CA PHE A 241 5.95 20.83 -15.76
C PHE A 241 4.98 19.93 -14.99
N LEU A 242 4.22 19.09 -15.69
CA LEU A 242 3.25 18.24 -15.01
C LEU A 242 3.95 17.23 -14.11
N GLU A 243 5.12 16.74 -14.52
CA GLU A 243 5.85 15.79 -13.68
C GLU A 243 6.35 16.47 -12.40
N LEU A 244 6.90 17.68 -12.52
CA LEU A 244 7.37 18.39 -11.33
C LEU A 244 6.20 18.90 -10.49
N LYS A 245 5.05 19.13 -11.11
CA LYS A 245 3.90 19.68 -10.39
C LYS A 245 3.43 18.77 -9.26
N HIS A 246 3.76 17.47 -9.32
CA HIS A 246 3.38 16.57 -8.25
C HIS A 246 4.07 16.91 -6.93
N SER A 247 5.12 17.71 -6.96
CA SER A 247 5.83 18.07 -5.74
C SER A 247 5.00 19.04 -4.90
N LYS A 248 5.06 18.86 -3.59
CA LYS A 248 4.44 19.80 -2.66
C LYS A 248 5.37 20.94 -2.29
N ALA A 249 6.64 20.88 -2.67
CA ALA A 249 7.59 21.93 -2.35
C ALA A 249 7.33 23.15 -3.22
N LEU A 250 8.07 24.22 -2.95
CA LEU A 250 7.84 25.50 -3.62
C LEU A 250 8.36 25.49 -5.06
N ASP A 251 9.59 25.01 -5.26
CA ASP A 251 10.24 25.14 -6.57
C ASP A 251 11.25 24.01 -6.75
N THR A 252 10.74 22.80 -6.93
CA THR A 252 11.62 21.64 -7.10
C THR A 252 12.34 21.72 -8.44
N PRO A 253 13.67 21.58 -8.48
CA PRO A 253 14.36 21.55 -9.76
C PRO A 253 14.51 20.13 -10.28
N THR A 254 14.81 20.03 -11.57
CA THR A 254 15.20 18.74 -12.13
C THR A 254 16.47 18.26 -11.44
N LEU A 255 16.59 16.93 -11.31
CA LEU A 255 17.75 16.37 -10.63
C LEU A 255 19.04 16.65 -11.39
N PHE A 256 18.96 16.94 -12.69
CA PHE A 256 20.16 17.30 -13.44
C PHE A 256 20.79 18.58 -12.91
N GLU A 257 20.02 19.44 -12.26
CA GLU A 257 20.55 20.70 -11.73
C GLU A 257 20.45 20.80 -10.21
N HIS A 258 20.05 19.73 -9.54
CA HIS A 258 20.02 19.77 -8.08
C HIS A 258 21.44 19.83 -7.53
N LYS A 259 21.67 20.73 -6.58
CA LYS A 259 23.03 20.96 -6.09
C LYS A 259 23.63 19.69 -5.49
N THR A 260 22.82 18.88 -4.82
CA THR A 260 23.32 17.63 -4.25
C THR A 260 23.85 16.71 -5.33
N ILE A 261 23.18 16.67 -6.49
CA ILE A 261 23.59 15.78 -7.57
C ILE A 261 24.80 16.35 -8.30
N THR A 262 24.76 17.65 -8.63
CA THR A 262 25.83 18.24 -9.43
C THR A 262 27.15 18.30 -8.65
N SER A 263 27.09 18.52 -7.34
CA SER A 263 28.33 18.56 -6.56
C SER A 263 29.02 17.20 -6.57
N ILE A 264 28.23 16.11 -6.45
CA ILE A 264 28.81 14.78 -6.55
C ILE A 264 29.41 14.56 -7.94
N ALA A 265 28.69 14.97 -8.98
CA ALA A 265 29.20 14.80 -10.34
C ALA A 265 30.47 15.61 -10.55
N ASP A 266 30.55 16.79 -9.94
CA ASP A 266 31.72 17.65 -10.11
C ASP A 266 32.97 17.00 -9.52
N LYS A 267 32.88 16.52 -8.28
CA LYS A 267 34.08 16.05 -7.60
C LYS A 267 34.58 14.74 -8.17
N TYR A 268 33.70 13.95 -8.78
CA TYR A 268 34.11 12.71 -9.45
C TYR A 268 34.30 12.88 -10.94
N LYS A 269 34.12 14.10 -11.46
CA LYS A 269 34.31 14.37 -12.89
C LYS A 269 33.37 13.50 -13.73
N LYS A 270 32.11 13.44 -13.32
CA LYS A 270 31.07 12.71 -14.02
C LYS A 270 29.92 13.64 -14.37
N THR A 271 28.93 13.11 -15.07
CA THR A 271 27.74 13.88 -15.38
C THR A 271 26.67 13.63 -14.34
N PRO A 272 25.72 14.57 -14.17
CA PRO A 272 24.59 14.30 -13.27
C PRO A 272 23.86 13.01 -13.62
N ALA A 273 23.73 12.70 -14.90
CA ALA A 273 23.05 11.47 -15.31
C ALA A 273 23.78 10.24 -14.79
N GLN A 274 25.11 10.22 -14.90
CA GLN A 274 25.88 9.09 -14.40
C GLN A 274 25.68 8.91 -12.90
N VAL A 275 25.64 10.02 -12.15
CA VAL A 275 25.42 9.94 -10.71
C VAL A 275 24.05 9.35 -10.42
N LEU A 276 23.03 9.83 -11.14
CA LEU A 276 21.68 9.36 -10.90
C LEU A 276 21.54 7.87 -11.25
N LEU A 277 22.19 7.43 -12.32
CA LEU A 277 22.12 6.02 -12.67
C LEU A 277 22.91 5.16 -11.69
N ARG A 278 24.10 5.62 -11.29
CA ARG A 278 24.91 4.86 -10.35
C ARG A 278 24.24 4.78 -8.98
N TRP A 279 23.49 5.82 -8.60
CA TRP A 279 22.77 5.78 -7.33
C TRP A 279 21.85 4.57 -7.25
N ALA A 280 21.34 4.11 -8.40
CA ALA A 280 20.52 2.92 -8.45
C ALA A 280 21.36 1.66 -8.64
N SER A 281 22.25 1.65 -9.65
CA SER A 281 22.97 0.44 -9.99
C SER A 281 23.89 -0.02 -8.87
N GLN A 282 24.50 0.93 -8.15
CA GLN A 282 25.39 0.55 -7.07
C GLN A 282 24.66 -0.16 -5.94
N ARG A 283 23.35 0.06 -5.81
CA ARG A 283 22.52 -0.67 -4.86
C ARG A 283 21.87 -1.90 -5.48
N ASP A 284 22.44 -2.42 -6.57
CA ASP A 284 21.96 -3.62 -7.24
C ASP A 284 20.57 -3.45 -7.82
N ILE A 285 20.16 -2.21 -8.10
CA ILE A 285 18.88 -1.93 -8.74
C ILE A 285 19.14 -1.77 -10.23
N ALA A 286 18.49 -2.59 -11.03
CA ALA A 286 18.68 -2.55 -12.48
C ALA A 286 18.11 -1.27 -13.07
N ILE A 287 18.77 -0.78 -14.12
CA ILE A 287 18.36 0.44 -14.79
C ILE A 287 18.08 0.12 -16.26
N ILE A 288 17.27 0.98 -16.88
CA ILE A 288 16.88 0.80 -18.27
C ILE A 288 16.82 2.15 -18.97
N PRO A 289 17.93 2.88 -19.07
CA PRO A 289 17.92 4.13 -19.81
C PRO A 289 17.84 3.89 -21.31
N LYS A 290 17.58 4.96 -22.05
CA LYS A 290 17.54 4.91 -23.51
C LYS A 290 18.38 6.05 -24.06
N SER A 291 18.84 5.86 -25.30
CA SER A 291 19.63 6.88 -25.98
C SER A 291 19.85 6.46 -27.42
N ASN A 292 19.95 7.46 -28.30
CA ASN A 292 20.43 7.26 -29.67
C ASN A 292 21.86 7.75 -29.85
N ASN A 293 22.55 8.06 -28.75
CA ASN A 293 23.92 8.54 -28.80
C ASN A 293 24.86 7.38 -28.54
N PRO A 294 25.67 6.95 -29.51
CA PRO A 294 26.56 5.79 -29.27
C PRO A 294 27.51 6.00 -28.10
N ASP A 295 27.96 7.23 -27.88
CA ASP A 295 28.89 7.49 -26.77
C ASP A 295 28.16 7.43 -25.42
N ARG A 296 26.94 7.95 -25.36
CA ARG A 296 26.16 7.83 -24.13
C ARG A 296 25.74 6.39 -23.88
N LEU A 297 25.43 5.64 -24.94
CA LEU A 297 25.09 4.23 -24.79
C LEU A 297 26.24 3.46 -24.16
N LEU A 298 27.45 3.62 -24.69
CA LEU A 298 28.61 2.96 -24.10
C LEU A 298 28.84 3.43 -22.68
N GLN A 299 28.66 4.73 -22.43
CA GLN A 299 28.84 5.26 -21.07
C GLN A 299 27.93 4.56 -20.08
N ASN A 300 26.65 4.39 -20.43
CA ASN A 300 25.70 3.78 -19.50
C ASN A 300 26.07 2.35 -19.19
N LEU A 301 26.70 1.64 -20.12
CA LEU A 301 27.07 0.25 -19.87
C LEU A 301 28.20 0.12 -18.86
N GLU A 302 29.00 1.17 -18.66
CA GLU A 302 30.08 1.16 -17.69
C GLU A 302 29.48 1.46 -16.32
N VAL A 303 29.04 0.41 -15.63
CA VAL A 303 28.40 0.57 -14.33
C VAL A 303 29.43 0.98 -13.29
N ASN A 304 30.41 0.10 -13.04
CA ASN A 304 31.39 0.29 -11.98
C ASN A 304 32.46 1.33 -12.34
N ASP A 305 32.19 2.21 -13.31
CA ASP A 305 33.14 3.27 -13.65
C ASP A 305 33.57 4.06 -12.42
N PHE A 306 32.67 4.18 -11.44
CA PHE A 306 32.96 4.90 -10.21
C PHE A 306 31.94 4.48 -9.17
N ASN A 307 32.17 4.89 -7.92
CA ASN A 307 31.29 4.55 -6.82
C ASN A 307 30.93 5.80 -6.03
N LEU A 308 29.73 5.77 -5.44
CA LEU A 308 29.29 6.78 -4.50
C LEU A 308 29.71 6.39 -3.09
N SER A 309 30.08 7.38 -2.29
CA SER A 309 30.48 7.13 -0.92
C SER A 309 29.26 7.03 -0.01
N LYS A 310 29.48 6.53 1.20
CA LYS A 310 28.42 6.52 2.20
C LYS A 310 27.87 7.92 2.42
N GLU A 311 28.75 8.92 2.46
CA GLU A 311 28.30 10.30 2.59
C GLU A 311 27.43 10.72 1.42
N ASP A 312 27.83 10.35 0.20
CA ASP A 312 27.03 10.68 -0.98
C ASP A 312 25.61 10.12 -0.84
N PHE A 313 25.49 8.86 -0.42
CA PHE A 313 24.18 8.28 -0.24
C PHE A 313 23.38 9.03 0.83
N ASP A 314 24.06 9.45 1.91
CA ASP A 314 23.37 10.19 2.96
C ASP A 314 22.82 11.51 2.43
N GLU A 315 23.62 12.22 1.62
CA GLU A 315 23.15 13.50 1.09
C GLU A 315 22.01 13.29 0.08
N ILE A 316 22.12 12.27 -0.77
CA ILE A 316 21.07 12.02 -1.75
C ILE A 316 19.79 11.59 -1.05
N SER A 317 19.91 10.84 0.06
CA SER A 317 18.72 10.38 0.77
C SER A 317 17.87 11.56 1.25
N LYS A 318 18.50 12.71 1.50
CA LYS A 318 17.74 13.87 1.95
C LYS A 318 16.76 14.38 0.90
N LEU A 319 16.96 14.01 -0.37
CA LEU A 319 16.11 14.52 -1.44
C LEU A 319 14.76 13.84 -1.51
N ASP A 320 14.59 12.70 -0.83
CA ASP A 320 13.33 11.98 -0.88
C ASP A 320 12.19 12.89 -0.42
N GLN A 321 11.18 13.06 -1.28
CA GLN A 321 10.01 13.84 -0.92
C GLN A 321 8.71 13.18 -1.40
N ASP A 322 8.75 11.88 -1.71
CA ASP A 322 7.56 11.15 -2.14
C ASP A 322 6.92 11.82 -3.36
N LEU A 323 7.76 12.18 -4.33
CA LEU A 323 7.31 12.79 -5.59
C LEU A 323 7.11 11.67 -6.60
N ARG A 324 5.85 11.29 -6.83
CA ARG A 324 5.49 10.24 -7.77
C ARG A 324 4.73 10.86 -8.93
N PHE A 325 5.28 10.76 -10.13
CA PHE A 325 4.63 11.32 -11.31
C PHE A 325 4.19 10.27 -12.31
N ASN A 326 4.18 8.99 -11.94
CA ASN A 326 3.50 7.94 -12.70
C ASN A 326 2.49 7.32 -11.74
N ASN A 327 1.34 7.96 -11.60
CA ASN A 327 0.32 7.55 -10.64
C ASN A 327 -0.99 7.29 -11.37
N PRO A 328 -1.47 6.03 -11.45
CA PRO A 328 -2.77 5.79 -12.09
C PRO A 328 -3.94 6.50 -11.44
N TRP A 329 -3.76 7.09 -10.25
CA TRP A 329 -4.81 7.91 -9.67
C TRP A 329 -5.31 8.95 -10.66
N ASP A 330 -4.43 9.46 -11.51
CA ASP A 330 -4.77 10.51 -12.46
C ASP A 330 -5.41 9.97 -13.74
N TRP A 331 -5.55 8.66 -13.87
CA TRP A 331 -6.12 8.08 -15.09
C TRP A 331 -7.63 8.26 -15.14
N ASP A 332 -8.33 7.75 -14.13
CA ASP A 332 -9.78 7.63 -14.12
C ASP A 332 -10.34 8.53 -13.04
N THR A 333 -10.92 9.66 -13.44
CA THR A 333 -11.50 10.59 -12.48
C THR A 333 -12.84 10.13 -11.94
N LYS A 334 -13.46 9.11 -12.55
CA LYS A 334 -14.73 8.61 -12.05
C LYS A 334 -14.52 7.60 -10.93
N ASN A 335 -13.64 6.62 -11.15
CA ASN A 335 -13.30 5.59 -10.16
C ASN A 335 -11.80 5.65 -9.93
N ARG A 336 -11.39 6.45 -8.95
CA ARG A 336 -9.97 6.69 -8.71
C ARG A 336 -9.25 5.38 -8.42
N ILE A 337 -8.12 5.17 -9.09
CA ILE A 337 -7.32 3.97 -8.93
C ILE A 337 -6.39 4.19 -7.73
N PRO A 338 -6.57 3.48 -6.61
CA PRO A 338 -5.86 3.86 -5.37
C PRO A 338 -4.62 3.04 -5.07
N ILE A 339 -3.92 2.52 -6.09
CA ILE A 339 -2.86 1.55 -5.82
C ILE A 339 -1.67 2.18 -5.12
N PHE A 340 -1.55 3.51 -5.13
CA PHE A 340 -0.47 4.20 -4.43
C PHE A 340 -1.00 5.12 -3.33
N ALA A 341 -2.29 5.04 -3.00
CA ALA A 341 -2.89 5.95 -2.03
C ALA A 341 -2.50 5.56 -0.62
N HIS B 20 -30.56 12.69 20.29
CA HIS B 20 -30.23 12.08 18.97
C HIS B 20 -28.73 12.13 18.71
N MET B 21 -28.01 11.08 19.11
CA MET B 21 -26.60 10.98 18.77
C MET B 21 -26.45 10.60 17.30
N MET B 22 -25.41 11.12 16.66
CA MET B 22 -25.20 10.86 15.26
C MET B 22 -24.69 9.44 15.05
N SER B 23 -25.07 8.84 13.92
CA SER B 23 -24.66 7.50 13.56
C SER B 23 -24.38 7.43 12.07
N ILE B 24 -23.65 6.39 11.68
CA ILE B 24 -23.35 6.10 10.28
C ILE B 24 -24.14 4.87 9.87
N LYS B 25 -24.82 4.96 8.73
CA LYS B 25 -25.49 3.78 8.17
C LYS B 25 -24.46 2.95 7.42
N LEU B 26 -24.12 1.80 7.96
CA LEU B 26 -23.17 0.92 7.31
C LEU B 26 -23.79 0.26 6.09
N ASN B 27 -22.93 -0.17 5.17
CA ASN B 27 -23.40 -0.91 4.00
C ASN B 27 -24.01 -2.26 4.38
N SER B 28 -23.76 -2.72 5.60
CA SER B 28 -24.41 -3.94 6.09
C SER B 28 -25.85 -3.72 6.50
N GLY B 29 -26.31 -2.48 6.56
CA GLY B 29 -27.65 -2.15 6.97
C GLY B 29 -27.80 -1.73 8.42
N TYR B 30 -26.73 -1.83 9.21
CA TYR B 30 -26.78 -1.50 10.63
C TYR B 30 -26.16 -0.12 10.87
N GLU B 31 -26.58 0.48 11.99
CA GLU B 31 -26.13 1.83 12.36
C GLU B 31 -24.96 1.75 13.34
N MET B 32 -23.97 2.59 13.11
CA MET B 32 -22.80 2.66 13.98
C MET B 32 -22.70 4.06 14.58
N PRO B 33 -22.69 4.22 15.91
CA PRO B 33 -22.56 5.57 16.48
C PRO B 33 -21.30 6.25 15.99
N LEU B 34 -21.43 7.54 15.66
CA LEU B 34 -20.30 8.31 15.16
C LEU B 34 -19.24 8.51 16.23
N VAL B 35 -19.66 8.74 17.47
CA VAL B 35 -18.76 8.97 18.60
C VAL B 35 -18.89 7.79 19.55
N GLY B 36 -17.80 7.06 19.74
CA GLY B 36 -17.79 5.93 20.64
C GLY B 36 -16.73 6.04 21.71
N PHE B 37 -16.57 4.98 22.50
CA PHE B 37 -15.57 4.94 23.56
C PHE B 37 -14.50 3.93 23.19
N GLY B 38 -13.27 4.40 23.02
CA GLY B 38 -12.16 3.53 22.70
C GLY B 38 -11.56 2.89 23.94
N CYS B 39 -11.57 1.57 23.99
CA CYS B 39 -11.02 0.83 25.12
C CYS B 39 -9.56 0.48 24.94
N TRP B 40 -8.99 0.79 23.77
CA TRP B 40 -7.54 0.68 23.58
C TRP B 40 -6.81 1.46 24.67
N LYS B 41 -5.88 0.79 25.34
CA LYS B 41 -5.02 1.35 26.38
C LYS B 41 -5.73 1.53 27.72
N VAL B 42 -6.98 1.10 27.87
CA VAL B 42 -7.69 1.23 29.13
C VAL B 42 -7.21 0.15 30.09
N ASP B 43 -6.80 0.55 31.29
CA ASP B 43 -6.29 -0.39 32.26
C ASP B 43 -7.38 -1.38 32.68
N ASN B 44 -6.97 -2.63 32.90
CA ASN B 44 -7.93 -3.66 33.28
C ASN B 44 -8.61 -3.35 34.60
N ALA B 45 -7.84 -2.88 35.59
CA ALA B 45 -8.38 -2.64 36.93
C ALA B 45 -9.60 -1.72 36.87
N THR B 46 -9.49 -0.61 36.15
CA THR B 46 -10.55 0.39 36.10
C THR B 46 -11.51 0.22 34.93
N CYS B 47 -11.24 -0.73 34.02
CA CYS B 47 -11.97 -0.78 32.77
C CYS B 47 -13.47 -0.95 32.99
N ALA B 48 -13.86 -1.98 33.76
CA ALA B 48 -15.28 -2.26 33.94
C ALA B 48 -16.03 -1.05 34.44
N ASP B 49 -15.47 -0.35 35.44
CA ASP B 49 -16.11 0.85 35.95
C ASP B 49 -16.14 1.94 34.88
N THR B 50 -15.02 2.17 34.20
CA THR B 50 -14.97 3.18 33.15
C THR B 50 -16.02 2.91 32.08
N VAL B 51 -16.14 1.66 31.64
CA VAL B 51 -17.14 1.31 30.64
C VAL B 51 -18.54 1.60 31.17
N TYR B 52 -18.84 1.12 32.37
CA TYR B 52 -20.16 1.34 32.97
C TYR B 52 -20.45 2.82 33.10
N ASN B 53 -19.52 3.58 33.69
CA ASN B 53 -19.70 5.02 33.84
C ASN B 53 -19.89 5.70 32.49
N ALA B 54 -19.31 5.13 31.42
CA ALA B 54 -19.50 5.70 30.09
C ALA B 54 -20.91 5.43 29.57
N ILE B 55 -21.40 4.20 29.73
CA ILE B 55 -22.78 3.89 29.33
C ILE B 55 -23.75 4.83 30.03
N LYS B 56 -23.53 5.09 31.32
CA LYS B 56 -24.38 6.01 32.05
C LYS B 56 -24.37 7.39 31.40
N VAL B 57 -23.19 7.89 31.05
CA VAL B 57 -23.07 9.22 30.45
C VAL B 57 -23.84 9.29 29.14
N GLY B 58 -23.79 8.21 28.36
CA GLY B 58 -24.54 8.17 27.10
C GLY B 58 -23.83 7.46 25.97
N TYR B 59 -22.60 6.99 26.21
CA TYR B 59 -21.89 6.25 25.18
C TYR B 59 -22.62 4.97 24.84
N ARG B 60 -22.54 4.57 23.56
CA ARG B 60 -23.24 3.39 23.09
C ARG B 60 -22.33 2.48 22.27
N LEU B 61 -21.32 3.05 21.62
CA LEU B 61 -20.33 2.24 20.93
C LEU B 61 -19.10 2.08 21.82
N PHE B 62 -18.58 0.86 21.86
CA PHE B 62 -17.38 0.56 22.63
C PHE B 62 -16.43 -0.26 21.75
N ASP B 63 -15.22 0.27 21.55
CA ASP B 63 -14.26 -0.32 20.64
C ASP B 63 -13.29 -1.20 21.44
N ALA B 64 -13.31 -2.50 21.16
CA ALA B 64 -12.49 -3.48 21.86
C ALA B 64 -11.63 -4.25 20.85
N ALA B 65 -10.81 -5.16 21.36
CA ALA B 65 -9.97 -5.98 20.51
C ALA B 65 -9.41 -7.14 21.32
N MET B 66 -9.23 -8.28 20.64
CA MET B 66 -8.66 -9.46 21.28
C MET B 66 -7.29 -9.19 21.88
N ASP B 67 -6.57 -8.18 21.37
CA ASP B 67 -5.21 -7.91 21.78
C ASP B 67 -5.11 -6.93 22.95
N TYR B 68 -6.19 -6.22 23.29
CA TYR B 68 -6.12 -5.26 24.38
C TYR B 68 -6.07 -5.93 25.75
N GLY B 69 -6.56 -7.16 25.85
CA GLY B 69 -6.50 -7.90 27.11
C GLY B 69 -7.49 -7.44 28.16
N ASN B 70 -8.48 -6.61 27.79
CA ASN B 70 -9.49 -6.16 28.74
C ASN B 70 -10.90 -6.50 28.26
N CYS B 71 -11.03 -7.49 27.36
CA CYS B 71 -12.35 -7.87 26.87
C CYS B 71 -13.26 -8.30 28.02
N LYS B 72 -12.71 -9.04 28.98
CA LYS B 72 -13.52 -9.52 30.10
C LYS B 72 -14.04 -8.36 30.93
N GLU B 73 -13.19 -7.36 31.21
CA GLU B 73 -13.62 -6.23 32.02
C GLU B 73 -14.62 -5.36 31.27
N ILE B 74 -14.45 -5.22 29.95
CA ILE B 74 -15.44 -4.49 29.15
C ILE B 74 -16.81 -5.15 29.28
N GLY B 75 -16.84 -6.48 29.22
CA GLY B 75 -18.11 -7.18 29.37
C GLY B 75 -18.77 -6.92 30.71
N GLU B 76 -17.97 -6.90 31.78
CA GLU B 76 -18.52 -6.61 33.10
C GLU B 76 -19.27 -5.28 33.11
N GLY B 77 -18.66 -4.25 32.53
CA GLY B 77 -19.33 -2.96 32.46
C GLY B 77 -20.59 -3.01 31.62
N ILE B 78 -20.54 -3.71 30.49
CA ILE B 78 -21.72 -3.81 29.61
C ILE B 78 -22.85 -4.52 30.33
N ASN B 79 -22.60 -5.74 30.79
CA ASN B 79 -23.66 -6.53 31.40
C ASN B 79 -24.17 -5.91 32.70
N ARG B 80 -23.31 -5.17 33.40
CA ARG B 80 -23.77 -4.41 34.57
C ARG B 80 -24.84 -3.41 34.15
N ALA B 81 -24.56 -2.63 33.10
CA ALA B 81 -25.55 -1.67 32.61
C ALA B 81 -26.79 -2.39 32.09
N LEU B 82 -26.62 -3.51 31.39
CA LEU B 82 -27.77 -4.27 30.92
C LEU B 82 -28.61 -4.78 32.08
N ASP B 83 -27.96 -5.31 33.12
CA ASP B 83 -28.69 -5.84 34.26
C ASP B 83 -29.45 -4.73 34.98
N GLU B 84 -28.76 -3.62 35.27
CA GLU B 84 -29.42 -2.48 35.93
C GLU B 84 -30.46 -1.81 35.03
N GLY B 85 -30.63 -2.27 33.79
CA GLY B 85 -31.62 -1.67 32.91
C GLY B 85 -31.28 -0.28 32.44
N LEU B 86 -30.00 0.08 32.39
CA LEU B 86 -29.62 1.39 31.88
C LEU B 86 -29.75 1.45 30.36
N VAL B 87 -29.59 0.31 29.68
CA VAL B 87 -29.72 0.24 28.23
C VAL B 87 -30.20 -1.16 27.86
N ALA B 88 -30.57 -1.32 26.59
CA ALA B 88 -30.78 -2.62 25.99
C ALA B 88 -29.59 -2.99 25.11
N ARG B 89 -29.44 -4.28 24.84
CA ARG B 89 -28.29 -4.73 24.05
C ARG B 89 -28.31 -4.13 22.65
N ASP B 90 -29.47 -4.10 22.01
CA ASP B 90 -29.56 -3.55 20.66
C ASP B 90 -29.25 -2.06 20.62
N GLU B 91 -29.22 -1.39 21.77
CA GLU B 91 -28.82 0.01 21.82
C GLU B 91 -27.30 0.17 21.79
N LEU B 92 -26.55 -0.87 22.12
CA LEU B 92 -25.10 -0.80 22.14
C LEU B 92 -24.52 -1.28 20.80
N PHE B 93 -23.31 -0.82 20.52
CA PHE B 93 -22.56 -1.22 19.34
C PHE B 93 -21.18 -1.65 19.81
N ILE B 94 -20.92 -2.95 19.80
CA ILE B 94 -19.68 -3.51 20.33
C ILE B 94 -18.80 -3.92 19.17
N THR B 95 -17.58 -3.40 19.15
CA THR B 95 -16.59 -3.74 18.14
C THR B 95 -15.47 -4.55 18.78
N SER B 96 -15.03 -5.59 18.08
CA SER B 96 -13.82 -6.31 18.45
C SER B 96 -13.01 -6.58 17.19
N LYS B 97 -11.83 -7.13 17.36
CA LYS B 97 -10.87 -7.23 16.25
C LYS B 97 -10.17 -8.58 16.27
N LEU B 98 -10.16 -9.26 15.13
CA LEU B 98 -9.44 -10.52 14.98
C LEU B 98 -7.94 -10.26 14.99
N TRP B 99 -7.24 -10.80 15.98
CA TRP B 99 -5.81 -10.57 16.10
C TRP B 99 -5.06 -11.35 15.02
N ASN B 100 -3.81 -10.94 14.79
CA ASN B 100 -3.00 -11.51 13.71
C ASN B 100 -2.77 -13.00 13.87
N SER B 101 -2.87 -13.53 15.09
CA SER B 101 -2.59 -14.94 15.33
C SER B 101 -3.66 -15.87 14.77
N TYR B 102 -4.78 -15.33 14.29
CA TYR B 102 -5.95 -16.14 13.97
C TYR B 102 -6.45 -15.88 12.55
N HIS B 103 -5.55 -15.57 11.62
CA HIS B 103 -5.95 -15.35 10.24
C HIS B 103 -6.24 -16.65 9.50
N ASP B 104 -5.68 -17.78 9.94
CA ASP B 104 -5.99 -19.07 9.36
C ASP B 104 -7.50 -19.27 9.41
N PRO B 105 -8.19 -19.45 8.27
CA PRO B 105 -9.66 -19.55 8.31
C PRO B 105 -10.19 -20.49 9.37
N LYS B 106 -9.48 -21.57 9.67
CA LYS B 106 -9.93 -22.51 10.69
C LYS B 106 -10.07 -21.84 12.05
N ASN B 107 -9.25 -20.82 12.32
CA ASN B 107 -9.21 -20.18 13.63
C ASN B 107 -10.05 -18.91 13.71
N VAL B 108 -10.66 -18.48 12.62
CA VAL B 108 -11.45 -17.25 12.64
C VAL B 108 -12.69 -17.42 13.50
N GLU B 109 -13.46 -18.49 13.24
CA GLU B 109 -14.66 -18.74 14.03
C GLU B 109 -14.31 -18.99 15.49
N LEU B 110 -13.20 -19.69 15.74
CA LEU B 110 -12.76 -19.91 17.12
C LEU B 110 -12.44 -18.60 17.81
N ALA B 111 -11.87 -17.64 17.07
CA ALA B 111 -11.55 -16.34 17.65
C ALA B 111 -12.81 -15.59 18.05
N LEU B 112 -13.84 -15.60 17.21
CA LEU B 112 -15.09 -14.92 17.56
C LEU B 112 -15.72 -15.55 18.79
N LYS B 113 -15.73 -16.88 18.87
CA LYS B 113 -16.22 -17.55 20.06
C LYS B 113 -15.47 -17.07 21.30
N LYS B 114 -14.14 -16.95 21.19
CA LYS B 114 -13.34 -16.49 22.32
C LYS B 114 -13.75 -15.10 22.74
N VAL B 115 -14.01 -14.21 21.78
CA VAL B 115 -14.44 -12.85 22.11
C VAL B 115 -15.78 -12.88 22.85
N LEU B 116 -16.77 -13.55 22.24
CA LEU B 116 -18.10 -13.59 22.85
C LEU B 116 -18.04 -14.20 24.24
N SER B 117 -17.17 -15.20 24.44
CA SER B 117 -17.03 -15.81 25.76
C SER B 117 -16.51 -14.79 26.78
N ASP B 118 -15.34 -14.20 26.51
CA ASP B 118 -14.75 -13.25 27.44
C ASP B 118 -15.72 -12.13 27.78
N MET B 119 -16.28 -11.48 26.76
CA MET B 119 -17.16 -10.34 26.97
C MET B 119 -18.54 -10.74 27.47
N LYS B 120 -18.87 -12.03 27.50
CA LYS B 120 -20.17 -12.50 27.97
C LYS B 120 -21.29 -11.87 27.16
N LEU B 121 -21.17 -11.96 25.83
CA LEU B 121 -22.16 -11.44 24.91
C LEU B 121 -22.57 -12.54 23.93
N ASP B 122 -23.80 -12.44 23.44
CA ASP B 122 -24.29 -13.39 22.45
C ASP B 122 -23.85 -13.04 21.04
N TYR B 123 -23.44 -11.80 20.80
CA TYR B 123 -23.00 -11.37 19.48
C TYR B 123 -22.28 -10.04 19.63
N ILE B 124 -21.46 -9.72 18.63
CA ILE B 124 -20.85 -8.40 18.52
C ILE B 124 -21.38 -7.75 17.25
N ASP B 125 -21.35 -6.42 17.24
CA ASP B 125 -21.89 -5.66 16.12
C ASP B 125 -20.89 -5.52 14.98
N LEU B 126 -19.60 -5.54 15.28
CA LEU B 126 -18.58 -5.35 14.26
C LEU B 126 -17.34 -6.16 14.64
N PHE B 127 -16.83 -6.93 13.69
CA PHE B 127 -15.63 -7.72 13.89
C PHE B 127 -14.64 -7.36 12.79
N LEU B 128 -13.47 -6.86 13.17
CA LEU B 128 -12.49 -6.34 12.24
C LEU B 128 -11.26 -7.23 12.18
N ILE B 129 -10.68 -7.35 10.99
CA ILE B 129 -9.31 -7.84 10.88
C ILE B 129 -8.38 -6.74 11.39
N HIS B 130 -7.68 -7.02 12.49
CA HIS B 130 -6.96 -5.96 13.18
C HIS B 130 -5.81 -5.41 12.35
N PHE B 131 -5.08 -6.29 11.66
CA PHE B 131 -3.99 -5.89 10.78
C PHE B 131 -3.97 -6.84 9.59
N PRO B 132 -3.45 -6.39 8.42
CA PRO B 132 -3.16 -7.30 7.31
C PRO B 132 -1.89 -8.10 7.56
N ILE B 133 -1.85 -8.78 8.71
CA ILE B 133 -0.68 -9.52 9.19
C ILE B 133 -1.17 -10.83 9.78
N ALA B 134 -0.47 -11.92 9.47
CA ALA B 134 -0.87 -13.26 9.90
C ALA B 134 0.28 -13.89 10.69
N PHE B 135 0.20 -13.81 12.02
CA PHE B 135 1.17 -14.49 12.87
C PHE B 135 0.88 -15.98 12.93
N LYS B 136 1.87 -16.74 13.38
CA LYS B 136 1.67 -18.17 13.62
C LYS B 136 0.65 -18.36 14.74
N PHE B 137 -0.31 -19.24 14.48
CA PHE B 137 -1.35 -19.50 15.46
C PHE B 137 -0.76 -20.00 16.78
N VAL B 138 -1.14 -19.34 17.87
CA VAL B 138 -0.78 -19.75 19.22
C VAL B 138 -2.06 -20.21 19.90
N PRO B 139 -2.15 -21.47 20.34
CA PRO B 139 -3.39 -21.94 20.99
C PRO B 139 -3.79 -21.02 22.14
N PHE B 140 -5.10 -20.81 22.28
CA PHE B 140 -5.60 -19.91 23.32
C PHE B 140 -5.10 -20.34 24.69
N GLU B 141 -5.04 -21.65 24.94
CA GLU B 141 -4.53 -22.14 26.22
C GLU B 141 -3.05 -21.82 26.39
N GLU B 142 -2.28 -21.78 25.29
CA GLU B 142 -0.86 -21.50 25.38
C GLU B 142 -0.61 -20.08 25.88
N LYS B 143 -1.29 -19.11 25.29
CA LYS B 143 -1.15 -17.72 25.71
C LYS B 143 -2.29 -16.90 25.10
N TYR B 144 -2.89 -16.04 25.90
CA TYR B 144 -3.92 -15.14 25.41
C TYR B 144 -4.02 -13.93 26.35
N PRO B 145 -3.89 -12.69 25.84
CA PRO B 145 -3.63 -12.31 24.45
C PRO B 145 -2.23 -12.74 23.98
N PRO B 146 -2.13 -13.31 22.77
CA PRO B 146 -0.80 -13.75 22.31
C PRO B 146 0.14 -12.61 22.00
N ALA B 147 -0.39 -11.47 21.54
CA ALA B 147 0.42 -10.29 21.22
C ALA B 147 1.47 -10.71 20.20
N PHE B 148 2.76 -10.40 20.42
CA PHE B 148 3.80 -10.67 19.44
C PHE B 148 4.48 -12.03 19.64
N TYR B 149 3.91 -12.90 20.44
CA TYR B 149 4.47 -14.23 20.66
C TYR B 149 3.95 -15.19 19.60
N CYS B 150 4.88 -15.93 18.97
CA CYS B 150 4.54 -16.83 17.87
C CYS B 150 5.16 -18.21 18.11
N GLY B 151 5.21 -18.64 19.36
CA GLY B 151 5.68 -19.97 19.68
C GLY B 151 7.18 -20.15 19.65
N ASP B 152 7.95 -19.08 19.81
CA ASP B 152 9.40 -19.18 19.73
C ASP B 152 10.07 -17.98 20.41
N GLY B 153 9.92 -17.87 21.71
CA GLY B 153 10.57 -16.78 22.44
C GLY B 153 10.11 -15.44 21.91
N ASP B 154 11.08 -14.59 21.56
CA ASP B 154 10.80 -13.28 21.00
C ASP B 154 10.74 -13.28 19.47
N ASN B 155 10.97 -14.43 18.83
CA ASN B 155 11.00 -14.49 17.39
C ASN B 155 9.59 -14.51 16.81
N PHE B 156 9.38 -13.72 15.77
CA PHE B 156 8.11 -13.72 15.06
C PHE B 156 8.09 -14.86 14.04
N HIS B 157 6.89 -15.39 13.81
CA HIS B 157 6.64 -16.35 12.76
C HIS B 157 5.26 -16.10 12.17
N TYR B 158 5.14 -16.33 10.87
CA TYR B 158 3.97 -15.91 10.11
C TYR B 158 3.37 -17.09 9.35
N GLU B 159 2.12 -16.93 8.94
CA GLU B 159 1.40 -17.93 8.18
C GLU B 159 1.12 -17.42 6.77
N ASP B 160 1.22 -18.33 5.80
CA ASP B 160 0.99 -17.98 4.39
C ASP B 160 -0.50 -18.09 4.07
N VAL B 161 -1.26 -17.17 4.66
CA VAL B 161 -2.71 -17.11 4.49
C VAL B 161 -3.05 -15.79 3.82
N PRO B 162 -3.34 -15.81 2.52
CA PRO B 162 -3.76 -14.56 1.84
C PRO B 162 -4.91 -13.90 2.58
N LEU B 163 -4.94 -12.57 2.51
CA LEU B 163 -5.96 -11.82 3.24
C LEU B 163 -7.37 -12.24 2.82
N LEU B 164 -7.56 -12.53 1.53
CA LEU B 164 -8.90 -12.89 1.06
C LEU B 164 -9.39 -14.19 1.68
N GLU B 165 -8.49 -15.13 1.94
CA GLU B 165 -8.90 -16.35 2.63
C GLU B 165 -9.45 -16.03 4.01
N THR B 166 -8.77 -15.15 4.74
CA THR B 166 -9.28 -14.72 6.04
C THR B 166 -10.61 -14.00 5.89
N TRP B 167 -10.73 -13.16 4.86
CA TRP B 167 -11.98 -12.41 4.68
C TRP B 167 -13.14 -13.34 4.37
N LYS B 168 -12.92 -14.36 3.55
CA LYS B 168 -13.98 -15.32 3.27
C LYS B 168 -14.47 -15.98 4.54
N ALA B 169 -13.57 -16.24 5.49
CA ALA B 169 -13.98 -16.77 6.79
C ALA B 169 -14.75 -15.73 7.58
N MET B 170 -14.37 -14.46 7.46
CA MET B 170 -15.12 -13.40 8.13
C MET B 170 -16.52 -13.28 7.54
N GLU B 171 -16.64 -13.40 6.22
CA GLU B 171 -17.95 -13.35 5.59
C GLU B 171 -18.87 -14.45 6.10
N LYS B 172 -18.32 -15.64 6.33
CA LYS B 172 -19.12 -16.74 6.85
C LYS B 172 -19.62 -16.45 8.26
N LEU B 173 -18.87 -15.67 9.05
CA LEU B 173 -19.31 -15.35 10.40
C LEU B 173 -20.62 -14.57 10.39
N THR B 174 -20.80 -13.69 9.41
CA THR B 174 -22.00 -12.86 9.36
C THR B 174 -23.24 -13.68 9.02
N LYS B 175 -23.08 -14.84 8.39
CA LYS B 175 -24.23 -15.68 8.07
C LYS B 175 -24.92 -16.18 9.33
N GLY B 176 -24.16 -16.40 10.40
CA GLY B 176 -24.70 -16.93 11.64
C GLY B 176 -25.11 -15.92 12.68
N GLY B 177 -24.86 -14.63 12.44
CA GLY B 177 -25.32 -13.59 13.34
C GLY B 177 -24.38 -13.26 14.49
N LYS B 178 -23.44 -14.16 14.82
CA LYS B 178 -22.50 -13.88 15.89
C LYS B 178 -21.73 -12.59 15.66
N ALA B 179 -21.63 -12.14 14.41
CA ALA B 179 -21.04 -10.85 14.08
C ALA B 179 -21.94 -10.17 13.06
N LYS B 180 -22.64 -9.11 13.49
CA LYS B 180 -23.58 -8.44 12.60
C LYS B 180 -22.86 -7.86 11.38
N SER B 181 -21.72 -7.21 11.59
CA SER B 181 -20.96 -6.60 10.52
C SER B 181 -19.49 -6.96 10.67
N ILE B 182 -18.78 -6.96 9.55
CA ILE B 182 -17.36 -7.28 9.51
C ILE B 182 -16.63 -6.14 8.83
N GLY B 183 -15.35 -5.98 9.18
CA GLY B 183 -14.57 -4.93 8.60
C GLY B 183 -13.08 -5.24 8.68
N ILE B 184 -12.28 -4.19 8.46
CA ILE B 184 -10.84 -4.30 8.41
C ILE B 184 -10.23 -3.12 9.14
N SER B 185 -8.96 -3.28 9.53
CA SER B 185 -8.21 -2.22 10.18
C SER B 185 -6.79 -2.24 9.64
N ASN B 186 -6.23 -1.04 9.43
CA ASN B 186 -4.82 -0.89 9.04
C ASN B 186 -4.54 -1.51 7.67
N PHE B 187 -5.54 -1.54 6.80
CA PHE B 187 -5.35 -1.93 5.41
C PHE B 187 -5.10 -0.68 4.57
N SER B 188 -4.08 -0.74 3.71
CA SER B 188 -3.87 0.32 2.76
C SER B 188 -4.97 0.31 1.70
N ALA B 189 -5.06 1.40 0.95
CA ALA B 189 -6.06 1.48 -0.12
C ALA B 189 -5.81 0.43 -1.18
N ALA B 190 -4.53 0.17 -1.50
CA ALA B 190 -4.21 -0.86 -2.49
C ALA B 190 -4.69 -2.23 -2.05
N LEU B 191 -4.54 -2.56 -0.77
CA LEU B 191 -5.02 -3.84 -0.26
C LEU B 191 -6.54 -3.92 -0.34
N ILE B 192 -7.23 -2.84 0.01
CA ILE B 192 -8.68 -2.81 -0.10
C ILE B 192 -9.11 -2.96 -1.55
N TYR B 193 -8.42 -2.24 -2.45
CA TYR B 193 -8.72 -2.31 -3.87
C TYR B 193 -8.70 -3.75 -4.37
N ASP B 194 -7.72 -4.53 -3.94
CA ASP B 194 -7.64 -5.92 -4.38
C ASP B 194 -8.62 -6.81 -3.62
N LEU B 195 -8.78 -6.57 -2.32
CA LEU B 195 -9.70 -7.38 -1.53
C LEU B 195 -11.11 -7.35 -2.11
N LEU B 196 -11.58 -6.18 -2.53
CA LEU B 196 -12.94 -6.06 -3.07
C LEU B 196 -13.13 -6.86 -4.35
N ARG B 197 -12.04 -7.21 -5.04
CA ARG B 197 -12.18 -8.03 -6.24
C ARG B 197 -12.64 -9.44 -5.90
N GLY B 198 -12.36 -9.92 -4.70
CA GLY B 198 -12.72 -11.26 -4.30
C GLY B 198 -13.78 -11.32 -3.24
N ALA B 199 -14.15 -10.17 -2.68
CA ALA B 199 -15.11 -10.13 -1.59
C ALA B 199 -16.54 -10.23 -2.13
N GLU B 200 -17.35 -11.09 -1.50
CA GLU B 200 -18.78 -11.08 -1.75
C GLU B 200 -19.47 -10.03 -0.90
N ILE B 201 -19.04 -9.89 0.35
CA ILE B 201 -19.50 -8.84 1.25
C ILE B 201 -18.38 -7.82 1.38
N LYS B 202 -18.66 -6.57 1.01
CA LYS B 202 -17.68 -5.52 1.17
C LYS B 202 -17.50 -5.20 2.65
N PRO B 203 -16.29 -4.82 3.08
CA PRO B 203 -16.12 -4.39 4.47
C PRO B 203 -17.07 -3.26 4.81
N ALA B 204 -17.62 -3.31 6.02
CA ALA B 204 -18.50 -2.23 6.47
C ALA B 204 -17.71 -1.05 7.00
N VAL B 205 -16.56 -1.31 7.64
CA VAL B 205 -15.78 -0.28 8.33
C VAL B 205 -14.30 -0.52 8.06
N LEU B 206 -13.55 0.57 7.91
CA LEU B 206 -12.10 0.55 7.92
C LEU B 206 -11.63 1.42 9.07
N GLN B 207 -10.82 0.86 9.96
CA GLN B 207 -10.25 1.61 11.07
C GLN B 207 -8.76 1.84 10.82
N ILE B 208 -8.32 3.09 10.97
CA ILE B 208 -6.94 3.45 10.69
C ILE B 208 -6.49 4.55 11.65
N GLU B 209 -5.18 4.64 11.85
CA GLU B 209 -4.59 5.83 12.45
C GLU B 209 -4.93 7.03 11.59
N HIS B 210 -5.47 8.08 12.20
CA HIS B 210 -5.94 9.22 11.43
C HIS B 210 -5.90 10.47 12.32
N HIS B 211 -5.11 11.45 11.90
CA HIS B 211 -4.97 12.71 12.62
C HIS B 211 -4.34 13.72 11.68
N PRO B 212 -4.39 15.02 12.03
CA PRO B 212 -3.88 16.06 11.12
C PRO B 212 -2.47 15.83 10.60
N TYR B 213 -1.65 15.03 11.28
CA TYR B 213 -0.31 14.75 10.79
C TYR B 213 -0.26 13.55 9.85
N LEU B 214 -1.29 12.70 9.87
CA LEU B 214 -1.39 11.56 8.96
C LEU B 214 -2.81 11.57 8.39
N GLN B 215 -3.01 12.34 7.32
CA GLN B 215 -4.35 12.58 6.79
C GLN B 215 -4.72 11.65 5.65
N GLN B 216 -3.74 11.06 4.96
CA GLN B 216 -3.97 10.10 3.86
C GLN B 216 -5.21 10.45 3.07
N PRO B 217 -5.28 11.66 2.51
CA PRO B 217 -6.56 12.11 1.91
C PRO B 217 -7.08 11.20 0.81
N ARG B 218 -6.19 10.62 0.00
CA ARG B 218 -6.66 9.79 -1.10
C ARG B 218 -7.19 8.44 -0.62
N LEU B 219 -6.59 7.88 0.43
CA LEU B 219 -7.18 6.71 1.08
C LEU B 219 -8.59 7.01 1.55
N ILE B 220 -8.77 8.14 2.25
CA ILE B 220 -10.09 8.53 2.73
C ILE B 220 -11.08 8.63 1.58
N GLU B 221 -10.69 9.34 0.52
CA GLU B 221 -11.61 9.54 -0.60
C GLU B 221 -12.00 8.22 -1.24
N TYR B 222 -11.03 7.38 -1.55
CA TYR B 222 -11.35 6.10 -2.20
C TYR B 222 -12.24 5.25 -1.31
N VAL B 223 -11.88 5.11 -0.03
CA VAL B 223 -12.64 4.23 0.86
C VAL B 223 -14.07 4.73 1.01
N GLN B 224 -14.25 6.03 1.24
CA GLN B 224 -15.60 6.57 1.37
C GLN B 224 -16.36 6.48 0.04
N SER B 225 -15.66 6.57 -1.08
CA SER B 225 -16.31 6.40 -2.38
C SER B 225 -16.92 5.01 -2.54
N GLN B 226 -16.43 4.04 -1.78
CA GLN B 226 -16.93 2.67 -1.85
C GLN B 226 -18.04 2.39 -0.84
N GLY B 227 -18.50 3.41 -0.12
CA GLY B 227 -19.51 3.21 0.89
C GLY B 227 -19.00 2.54 2.15
N ILE B 228 -17.70 2.50 2.34
CA ILE B 228 -17.10 1.90 3.52
C ILE B 228 -16.90 3.00 4.56
N ALA B 229 -17.47 2.80 5.76
CA ALA B 229 -17.27 3.74 6.84
C ALA B 229 -15.82 3.68 7.33
N ILE B 230 -15.38 4.79 7.92
CA ILE B 230 -14.02 4.91 8.43
C ILE B 230 -14.08 5.29 9.90
N THR B 231 -13.29 4.59 10.72
CA THR B 231 -13.09 4.93 12.11
C THR B 231 -11.63 5.32 12.32
N ALA B 232 -11.42 6.40 13.06
CA ALA B 232 -10.09 6.88 13.36
C ALA B 232 -9.67 6.47 14.77
N TYR B 233 -8.39 6.13 14.92
CA TYR B 233 -7.78 6.05 16.23
C TYR B 233 -6.55 6.95 16.25
N SER B 234 -6.07 7.24 17.46
CA SER B 234 -4.98 8.19 17.67
C SER B 234 -5.35 9.56 17.10
N SER B 235 -6.60 9.97 17.30
CA SER B 235 -7.07 11.23 16.75
C SER B 235 -6.25 12.41 17.24
N PHE B 236 -5.63 12.29 18.43
CA PHE B 236 -4.84 13.40 18.98
C PHE B 236 -3.42 13.43 18.44
N GLY B 237 -3.02 12.45 17.63
CA GLY B 237 -1.69 12.44 17.05
C GLY B 237 -0.64 12.00 18.04
N PRO B 238 0.63 12.19 17.69
CA PRO B 238 1.72 11.76 18.57
C PRO B 238 1.80 12.63 19.81
N GLN B 239 2.12 11.99 20.94
CA GLN B 239 2.14 12.70 22.22
C GLN B 239 3.36 12.34 23.07
N SER B 240 4.37 11.68 22.51
CA SER B 240 5.57 11.34 23.26
C SER B 240 6.76 11.44 22.32
N PHE B 241 7.96 11.29 22.90
CA PHE B 241 9.19 11.46 22.12
C PHE B 241 9.23 10.48 20.95
N LEU B 242 9.09 9.19 21.24
CA LEU B 242 9.20 8.19 20.18
C LEU B 242 8.10 8.35 19.15
N GLU B 243 6.91 8.79 19.56
CA GLU B 243 5.82 8.99 18.61
C GLU B 243 6.10 10.18 17.71
N LEU B 244 6.64 11.27 18.26
CA LEU B 244 7.03 12.42 17.45
C LEU B 244 8.31 12.16 16.67
N LYS B 245 9.14 11.20 17.10
CA LYS B 245 10.39 10.92 16.41
C LYS B 245 10.16 10.44 14.98
N HIS B 246 8.97 9.93 14.67
CA HIS B 246 8.68 9.48 13.31
C HIS B 246 8.62 10.63 12.32
N SER B 247 8.48 11.87 12.79
CA SER B 247 8.42 13.01 11.89
C SER B 247 9.77 13.24 11.24
N LYS B 248 9.74 13.65 9.97
CA LYS B 248 10.93 14.03 9.24
C LYS B 248 11.26 15.51 9.38
N ALA B 249 10.36 16.30 9.93
CA ALA B 249 10.61 17.72 10.11
C ALA B 249 11.53 17.95 11.30
N LEU B 250 11.92 19.22 11.48
CA LEU B 250 12.93 19.56 12.48
C LEU B 250 12.38 19.49 13.90
N ASP B 251 11.18 20.04 14.13
CA ASP B 251 10.67 20.18 15.50
C ASP B 251 9.13 20.17 15.48
N THR B 252 8.57 18.99 15.22
CA THR B 252 7.11 18.88 15.19
C THR B 252 6.55 18.98 16.61
N PRO B 253 5.58 19.85 16.85
CA PRO B 253 4.92 19.87 18.16
C PRO B 253 3.76 18.89 18.21
N THR B 254 3.26 18.67 19.42
CA THR B 254 2.00 17.96 19.56
C THR B 254 0.85 18.81 19.03
N LEU B 255 -0.19 18.14 18.54
CA LEU B 255 -1.32 18.87 18.02
C LEU B 255 -2.06 19.65 19.10
N PHE B 256 -1.82 19.33 20.37
CA PHE B 256 -2.36 20.15 21.46
C PHE B 256 -1.64 21.49 21.57
N GLU B 257 -0.45 21.62 20.97
CA GLU B 257 0.30 22.86 21.01
C GLU B 257 0.48 23.51 19.64
N HIS B 258 0.11 22.83 18.56
CA HIS B 258 0.27 23.39 17.22
C HIS B 258 -0.59 24.65 17.07
N LYS B 259 0.02 25.72 16.56
CA LYS B 259 -0.65 27.02 16.51
C LYS B 259 -1.93 26.95 15.68
N THR B 260 -1.96 26.14 14.63
CA THR B 260 -3.17 26.02 13.81
C THR B 260 -4.32 25.46 14.63
N ILE B 261 -4.04 24.50 15.51
CA ILE B 261 -5.09 23.87 16.29
C ILE B 261 -5.56 24.80 17.40
N THR B 262 -4.60 25.40 18.13
CA THR B 262 -4.97 26.24 19.27
C THR B 262 -5.71 27.49 18.83
N SER B 263 -5.34 28.07 17.68
CA SER B 263 -6.04 29.24 17.18
C SER B 263 -7.49 28.91 16.86
N ILE B 264 -7.72 27.81 16.13
CA ILE B 264 -9.08 27.38 15.83
C ILE B 264 -9.82 27.07 17.14
N ALA B 265 -9.16 26.36 18.04
CA ALA B 265 -9.79 26.02 19.33
C ALA B 265 -10.18 27.28 20.09
N ASP B 266 -9.26 28.24 20.21
CA ASP B 266 -9.57 29.47 20.92
C ASP B 266 -10.72 30.22 20.25
N LYS B 267 -10.79 30.16 18.92
CA LYS B 267 -11.81 30.91 18.20
C LYS B 267 -13.22 30.45 18.56
N TYR B 268 -13.39 29.14 18.83
CA TYR B 268 -14.70 28.60 19.17
C TYR B 268 -14.85 28.32 20.66
N LYS B 269 -13.89 28.74 21.48
CA LYS B 269 -13.91 28.46 22.91
C LYS B 269 -14.05 26.97 23.16
N LYS B 270 -13.29 26.18 22.41
CA LYS B 270 -13.20 24.74 22.56
C LYS B 270 -11.77 24.35 22.88
N THR B 271 -11.60 23.11 23.30
CA THR B 271 -10.26 22.61 23.58
C THR B 271 -9.61 22.10 22.29
N PRO B 272 -8.28 22.05 22.24
CA PRO B 272 -7.63 21.41 21.08
C PRO B 272 -8.14 19.99 20.85
N ALA B 273 -8.41 19.24 21.92
CA ALA B 273 -8.91 17.88 21.77
C ALA B 273 -10.25 17.86 21.05
N GLN B 274 -11.14 18.81 21.37
CA GLN B 274 -12.43 18.87 20.70
C GLN B 274 -12.27 19.22 19.22
N VAL B 275 -11.35 20.13 18.91
CA VAL B 275 -11.09 20.47 17.51
C VAL B 275 -10.59 19.23 16.76
N LEU B 276 -9.64 18.51 17.35
CA LEU B 276 -9.06 17.35 16.69
C LEU B 276 -10.09 16.26 16.48
N LEU B 277 -11.00 16.09 17.44
CA LEU B 277 -12.05 15.09 17.30
C LEU B 277 -13.10 15.54 16.28
N ARG B 278 -13.52 16.80 16.35
CA ARG B 278 -14.52 17.30 15.42
C ARG B 278 -13.99 17.34 13.99
N TRP B 279 -12.70 17.62 13.82
CA TRP B 279 -12.10 17.59 12.48
C TRP B 279 -12.36 16.26 11.79
N ALA B 280 -12.43 15.17 12.55
CA ALA B 280 -12.73 13.86 11.98
C ALA B 280 -14.23 13.63 11.87
N SER B 281 -14.97 13.84 12.96
CA SER B 281 -16.39 13.50 12.98
C SER B 281 -17.17 14.36 11.98
N GLN B 282 -16.79 15.62 11.83
CA GLN B 282 -17.49 16.50 10.88
C GLN B 282 -17.28 16.05 9.44
N ARG B 283 -16.21 15.31 9.16
CA ARG B 283 -16.01 14.69 7.86
C ARG B 283 -16.56 13.27 7.81
N ASP B 284 -17.48 12.93 8.71
CA ASP B 284 -18.14 11.63 8.74
C ASP B 284 -17.19 10.49 9.06
N ILE B 285 -16.10 10.79 9.77
CA ILE B 285 -15.17 9.78 10.23
C ILE B 285 -15.43 9.52 11.71
N ALA B 286 -15.81 8.29 12.03
CA ALA B 286 -16.12 7.93 13.40
C ALA B 286 -14.89 8.08 14.29
N ILE B 287 -15.13 8.41 15.56
CA ILE B 287 -14.07 8.61 16.54
C ILE B 287 -14.34 7.74 17.75
N ILE B 288 -13.27 7.35 18.43
CA ILE B 288 -13.37 6.47 19.60
C ILE B 288 -12.42 6.97 20.68
N PRO B 289 -12.62 8.17 21.20
CA PRO B 289 -11.77 8.66 22.29
C PRO B 289 -12.05 7.94 23.61
N LYS B 290 -11.08 8.03 24.50
CA LYS B 290 -11.18 7.45 25.84
C LYS B 290 -10.96 8.56 26.87
N SER B 291 -11.51 8.35 28.06
CA SER B 291 -11.34 9.33 29.13
C SER B 291 -11.87 8.75 30.44
N ASN B 292 -11.11 8.95 31.51
CA ASN B 292 -11.56 8.64 32.86
C ASN B 292 -11.98 9.90 33.61
N ASN B 293 -12.10 11.02 32.91
CA ASN B 293 -12.46 12.30 33.51
C ASN B 293 -13.92 12.60 33.20
N PRO B 294 -14.77 12.89 34.18
CA PRO B 294 -16.19 13.10 33.85
C PRO B 294 -16.44 14.26 32.91
N ASP B 295 -15.76 15.40 33.12
CA ASP B 295 -15.98 16.55 32.26
C ASP B 295 -15.54 16.27 30.83
N ARG B 296 -14.35 15.68 30.67
CA ARG B 296 -13.88 15.31 29.34
C ARG B 296 -14.75 14.22 28.73
N LEU B 297 -15.26 13.30 29.57
CA LEU B 297 -16.08 12.21 29.05
C LEU B 297 -17.33 12.74 28.36
N LEU B 298 -17.96 13.78 28.93
CA LEU B 298 -19.13 14.36 28.30
C LEU B 298 -18.73 15.30 27.16
N GLN B 299 -17.63 16.02 27.31
CA GLN B 299 -17.14 16.88 26.23
C GLN B 299 -16.89 16.08 24.97
N ASN B 300 -16.27 14.90 25.09
CA ASN B 300 -16.01 14.06 23.93
C ASN B 300 -17.31 13.58 23.29
N LEU B 301 -18.30 13.22 24.10
CA LEU B 301 -19.56 12.72 23.56
C LEU B 301 -20.31 13.80 22.80
N GLU B 302 -20.30 15.03 23.32
CA GLU B 302 -20.99 16.15 22.69
C GLU B 302 -20.05 17.00 21.84
N VAL B 303 -19.03 16.37 21.25
CA VAL B 303 -18.04 17.14 20.50
C VAL B 303 -18.62 17.74 19.22
N ASN B 304 -19.75 17.23 18.75
CA ASN B 304 -20.39 17.75 17.54
C ASN B 304 -21.28 18.95 17.81
N ASP B 305 -20.96 19.75 18.83
CA ASP B 305 -21.75 20.91 19.20
C ASP B 305 -21.32 22.19 18.49
N PHE B 306 -20.23 22.15 17.72
CA PHE B 306 -19.76 23.30 16.97
C PHE B 306 -19.33 22.84 15.59
N ASN B 307 -18.98 23.81 14.72
CA ASN B 307 -18.68 23.52 13.33
C ASN B 307 -17.37 24.17 12.93
N LEU B 308 -16.48 23.39 12.33
CA LEU B 308 -15.31 23.92 11.65
C LEU B 308 -15.72 24.47 10.29
N SER B 309 -15.13 25.59 9.91
CA SER B 309 -15.44 26.25 8.66
C SER B 309 -14.59 25.67 7.53
N LYS B 310 -14.96 26.03 6.30
CA LYS B 310 -14.14 25.65 5.16
C LYS B 310 -12.71 26.15 5.33
N GLU B 311 -12.54 27.33 5.91
CA GLU B 311 -11.20 27.88 6.12
C GLU B 311 -10.44 27.05 7.14
N ASP B 312 -11.11 26.63 8.22
CA ASP B 312 -10.46 25.79 9.22
C ASP B 312 -9.92 24.50 8.58
N PHE B 313 -10.72 23.86 7.73
CA PHE B 313 -10.28 22.62 7.10
C PHE B 313 -9.08 22.85 6.20
N ASP B 314 -9.06 23.96 5.46
CA ASP B 314 -7.93 24.25 4.59
C ASP B 314 -6.65 24.42 5.41
N GLU B 315 -6.73 25.13 6.53
CA GLU B 315 -5.55 25.32 7.37
C GLU B 315 -5.08 24.00 7.99
N ILE B 316 -6.03 23.18 8.46
CA ILE B 316 -5.64 21.91 9.07
C ILE B 316 -5.06 20.97 8.03
N SER B 317 -5.53 21.02 6.78
CA SER B 317 -4.99 20.14 5.75
C SER B 317 -3.51 20.40 5.50
N LYS B 318 -3.02 21.60 5.80
CA LYS B 318 -1.62 21.90 5.61
C LYS B 318 -0.71 21.14 6.58
N LEU B 319 -1.27 20.58 7.66
CA LEU B 319 -0.45 19.90 8.65
C LEU B 319 -0.05 18.49 8.23
N ASP B 320 -0.65 17.95 7.17
CA ASP B 320 -0.34 16.59 6.75
C ASP B 320 1.14 16.46 6.45
N GLN B 321 1.79 15.49 7.10
CA GLN B 321 3.20 15.23 6.85
C GLN B 321 3.51 13.73 6.84
N ASP B 322 2.50 12.88 6.68
CA ASP B 322 2.70 11.43 6.61
C ASP B 322 3.45 10.91 7.85
N LEU B 323 3.03 11.38 9.01
CA LEU B 323 3.66 11.00 10.29
C LEU B 323 2.83 9.89 10.91
N ARG B 324 3.31 8.66 10.78
CA ARG B 324 2.66 7.47 11.29
C ARG B 324 3.48 6.91 12.45
N PHE B 325 2.89 6.84 13.64
CA PHE B 325 3.61 6.32 14.80
C PHE B 325 3.06 4.99 15.29
N ASN B 326 2.09 4.39 14.61
CA ASN B 326 1.64 3.03 14.87
CA ASN B 326 1.63 3.03 14.87
C ASN B 326 1.95 2.22 13.61
N ASN B 327 3.20 1.78 13.51
CA ASN B 327 3.70 1.12 12.30
C ASN B 327 4.28 -0.23 12.65
N PRO B 328 3.66 -1.34 12.23
CA PRO B 328 4.24 -2.67 12.53
C PRO B 328 5.64 -2.88 11.98
N TRP B 329 6.13 -1.99 11.11
CA TRP B 329 7.52 -2.11 10.66
C TRP B 329 8.47 -2.17 11.85
N ASP B 330 8.12 -1.51 12.95
CA ASP B 330 8.96 -1.47 14.14
C ASP B 330 8.79 -2.69 15.03
N TRP B 331 7.95 -3.65 14.65
CA TRP B 331 7.75 -4.85 15.47
C TRP B 331 8.90 -5.84 15.32
N ASP B 332 8.99 -6.45 14.14
CA ASP B 332 9.94 -7.52 13.88
C ASP B 332 11.11 -6.96 13.09
N THR B 333 12.29 -6.96 13.69
CA THR B 333 13.49 -6.47 13.03
C THR B 333 14.17 -7.52 12.17
N LYS B 334 13.81 -8.79 12.31
CA LYS B 334 14.35 -9.85 11.46
C LYS B 334 13.58 -10.00 10.16
N ASN B 335 12.28 -9.74 10.17
CA ASN B 335 11.43 -9.81 8.97
C ASN B 335 10.51 -8.59 9.02
N ARG B 336 11.01 -7.48 8.48
CA ARG B 336 10.27 -6.22 8.55
C ARG B 336 8.88 -6.38 7.95
N ILE B 337 7.88 -5.91 8.70
CA ILE B 337 6.48 -5.96 8.26
C ILE B 337 6.23 -4.73 7.39
N PRO B 338 5.99 -4.88 6.08
CA PRO B 338 5.97 -3.70 5.21
C PRO B 338 4.58 -3.23 4.79
N ILE B 339 3.57 -3.46 5.63
CA ILE B 339 2.20 -3.15 5.22
C ILE B 339 2.00 -1.66 4.96
N PHE B 340 2.88 -0.82 5.51
CA PHE B 340 2.83 0.62 5.27
C PHE B 340 4.05 1.14 4.52
N ALA B 341 4.91 0.25 4.03
CA ALA B 341 6.12 0.67 3.33
C ALA B 341 5.79 1.17 1.93
#